data_2R5U
#
_entry.id   2R5U
#
_cell.length_a   114.927
_cell.length_b   114.927
_cell.length_c   72.393
_cell.angle_alpha   90.00
_cell.angle_beta   90.00
_cell.angle_gamma   120.00
#
_symmetry.space_group_name_H-M   'P 31'
#
loop_
_entity.id
_entity.type
_entity.pdbx_description
1 polymer 'Replicative DNA helicase'
2 non-polymer GLYCEROL
3 water water
#
_entity_poly.entity_id   1
_entity_poly.type   'polypeptide(L)'
_entity_poly.pdbx_seq_one_letter_code
;GPHMAVVDDLAPGMDSSPPSEDYGRQPPQDLAAEQSVLGGMLLSKDAIADVLERLRPGDFYRPAHQNVYDAILDLYGRGE
PADAVTVAAELDRRGLLRRIGGAPYLHTLISTVPTAANAGYYASIVAEKALLRRLVEAGTRVVQYGYAGAEGADVAEVVD
RAQAEIYDVADRRLSEDFVALEDLLQPTMDEIDAIASSGG
;
_entity_poly.pdbx_strand_id   A,B,C,D,E,F
#
# COMPACT_ATOMS: atom_id res chain seq x y z
N GLN A 26 -24.83 19.21 -11.77
CA GLN A 26 -24.20 20.28 -10.92
C GLN A 26 -24.85 20.43 -9.55
N PRO A 27 -24.12 20.04 -8.50
CA PRO A 27 -24.68 19.92 -7.15
C PRO A 27 -25.13 21.28 -6.61
N PRO A 28 -26.13 21.28 -5.70
CA PRO A 28 -26.61 22.51 -5.09
C PRO A 28 -25.47 23.29 -4.43
N GLN A 29 -25.38 24.58 -4.76
CA GLN A 29 -24.24 25.42 -4.35
C GLN A 29 -24.53 26.89 -4.58
N ASP A 30 -23.86 27.74 -3.80
CA ASP A 30 -23.85 29.17 -4.10
C ASP A 30 -22.44 29.70 -3.90
N LEU A 31 -21.63 29.67 -4.97
CA LEU A 31 -20.21 30.11 -4.86
C LEU A 31 -20.08 31.59 -4.51
N ALA A 32 -21.05 32.40 -4.94
CA ALA A 32 -21.08 33.84 -4.62
C ALA A 32 -21.23 34.05 -3.14
N ALA A 33 -22.17 33.31 -2.53
CA ALA A 33 -22.36 33.36 -1.10
C ALA A 33 -21.12 32.87 -0.33
N GLU A 34 -20.43 31.85 -0.84
CA GLU A 34 -19.18 31.38 -0.24
C GLU A 34 -18.08 32.46 -0.24
N GLN A 35 -17.96 33.15 -1.36
CA GLN A 35 -16.99 34.23 -1.50
C GLN A 35 -17.29 35.38 -0.52
N SER A 36 -18.56 35.79 -0.43
CA SER A 36 -19.01 36.84 0.48
C SER A 36 -18.74 36.49 1.96
N VAL A 37 -19.02 35.24 2.33
CA VAL A 37 -18.75 34.76 3.70
C VAL A 37 -17.28 34.92 4.04
N LEU A 38 -16.41 34.42 3.16
CA LEU A 38 -14.97 34.45 3.39
C LEU A 38 -14.44 35.89 3.42
N GLY A 39 -14.92 36.71 2.48
CA GLY A 39 -14.55 38.13 2.42
C GLY A 39 -14.96 38.87 3.68
N GLY A 40 -16.17 38.62 4.16
CA GLY A 40 -16.69 39.21 5.41
C GLY A 40 -15.83 38.84 6.61
N MET A 41 -15.44 37.57 6.67
CA MET A 41 -14.59 37.04 7.76
C MET A 41 -13.19 37.66 7.78
N LEU A 42 -12.61 37.91 6.62
CA LEU A 42 -11.30 38.55 6.53
C LEU A 42 -11.33 40.05 6.93
N LEU A 43 -12.53 40.64 6.90
CA LEU A 43 -12.74 42.08 7.19
C LEU A 43 -13.10 42.36 8.64
N SER A 44 -13.64 41.36 9.33
CA SER A 44 -14.17 41.55 10.66
C SER A 44 -14.09 40.31 11.55
N LYS A 45 -13.47 40.47 12.73
CA LYS A 45 -13.52 39.40 13.75
C LYS A 45 -14.94 39.04 14.22
N ASP A 46 -15.81 40.04 14.42
CA ASP A 46 -17.21 39.84 14.78
C ASP A 46 -17.98 38.96 13.76
N ALA A 47 -17.63 39.10 12.48
CA ALA A 47 -18.28 38.29 11.44
C ALA A 47 -17.90 36.82 11.56
N ILE A 48 -16.67 36.54 11.99
CA ILE A 48 -16.23 35.16 12.22
C ILE A 48 -17.16 34.45 13.23
N ALA A 49 -17.44 35.11 14.34
CA ALA A 49 -18.30 34.53 15.38
C ALA A 49 -19.68 34.23 14.85
N ASP A 50 -20.25 35.16 14.09
CA ASP A 50 -21.56 34.98 13.44
C ASP A 50 -21.58 33.77 12.48
N VAL A 51 -20.52 33.62 11.70
CA VAL A 51 -20.40 32.52 10.70
C VAL A 51 -20.30 31.14 11.40
N LEU A 52 -19.49 31.05 12.45
CA LEU A 52 -19.34 29.83 13.26
C LEU A 52 -20.66 29.27 13.79
N GLU A 53 -21.58 30.16 14.06
CA GLU A 53 -22.95 29.84 14.44
C GLU A 53 -23.63 28.91 13.44
N ARG A 54 -23.33 29.10 12.16
CA ARG A 54 -24.15 28.53 11.08
C ARG A 54 -23.44 27.49 10.19
N LEU A 55 -22.12 27.53 10.17
CA LEU A 55 -21.36 26.73 9.23
C LEU A 55 -20.49 25.72 9.88
N ARG A 56 -20.26 24.64 9.15
CA ARG A 56 -19.26 23.68 9.50
C ARG A 56 -18.25 23.64 8.36
N PRO A 57 -16.99 23.25 8.67
CA PRO A 57 -16.13 22.87 7.57
C PRO A 57 -16.65 21.55 6.94
N GLY A 58 -16.90 21.65 5.66
CA GLY A 58 -17.49 20.60 4.88
C GLY A 58 -18.59 21.28 4.13
N ASP A 59 -19.10 22.39 4.69
CA ASP A 59 -20.24 23.10 4.08
C ASP A 59 -19.89 23.86 2.79
N PHE A 60 -18.62 24.15 2.63
CA PHE A 60 -18.13 24.82 1.43
C PHE A 60 -18.02 23.82 0.31
N TYR A 61 -18.59 24.14 -0.86
CA TYR A 61 -18.49 23.26 -2.03
C TYR A 61 -17.07 23.23 -2.57
N ARG A 62 -16.47 24.40 -2.72
CA ARG A 62 -15.13 24.47 -3.30
C ARG A 62 -14.05 24.19 -2.24
N PRO A 63 -13.18 23.21 -2.52
CA PRO A 63 -12.08 22.87 -1.64
C PRO A 63 -11.17 24.06 -1.27
N ALA A 64 -10.88 24.96 -2.23
CA ALA A 64 -10.10 26.16 -1.93
C ALA A 64 -10.76 27.01 -0.83
N HIS A 65 -12.09 27.11 -0.85
CA HIS A 65 -12.85 27.88 0.13
C HIS A 65 -12.83 27.24 1.49
N GLN A 66 -12.92 25.90 1.53
CA GLN A 66 -12.75 25.16 2.79
C GLN A 66 -11.36 25.39 3.40
N ASN A 67 -10.32 25.39 2.57
CA ASN A 67 -8.95 25.69 2.99
C ASN A 67 -8.84 27.11 3.62
N VAL A 68 -9.43 28.08 2.96
CA VAL A 68 -9.41 29.47 3.44
C VAL A 68 -10.13 29.54 4.79
N TYR A 69 -11.38 29.03 4.82
CA TYR A 69 -12.16 28.93 6.05
C TYR A 69 -11.41 28.30 7.22
N ASP A 70 -10.76 27.14 6.97
CA ASP A 70 -10.02 26.40 8.02
C ASP A 70 -8.84 27.21 8.55
N ALA A 71 -8.15 27.91 7.65
CA ALA A 71 -7.03 28.79 8.01
C ALA A 71 -7.51 29.96 8.89
N ILE A 72 -8.63 30.58 8.51
CA ILE A 72 -9.25 31.64 9.32
C ILE A 72 -9.57 31.11 10.72
N LEU A 73 -10.22 29.95 10.79
CA LEU A 73 -10.61 29.35 12.07
C LEU A 73 -9.41 28.96 12.92
N ASP A 74 -8.37 28.41 12.29
CA ASP A 74 -7.14 28.10 13.01
C ASP A 74 -6.55 29.33 13.72
N LEU A 75 -6.40 30.43 12.98
CA LEU A 75 -5.92 31.71 13.56
C LEU A 75 -6.87 32.28 14.63
N TYR A 76 -8.16 32.35 14.31
CA TYR A 76 -9.17 32.78 15.29
C TYR A 76 -9.16 31.98 16.61
N GLY A 77 -9.01 30.65 16.51
CA GLY A 77 -9.00 29.76 17.68
C GLY A 77 -7.76 29.96 18.55
N ARG A 78 -6.72 30.55 17.94
CA ARG A 78 -5.49 30.90 18.64
C ARG A 78 -5.46 32.34 19.13
N GLY A 79 -6.59 33.02 19.04
CA GLY A 79 -6.67 34.46 19.36
C GLY A 79 -5.80 35.37 18.50
N GLU A 80 -5.47 34.94 17.29
CA GLU A 80 -4.71 35.76 16.34
C GLU A 80 -5.64 36.37 15.28
N PRO A 81 -5.32 37.59 14.80
CA PRO A 81 -6.15 38.22 13.78
C PRO A 81 -6.14 37.45 12.47
N ALA A 82 -7.26 37.43 11.78
CA ALA A 82 -7.37 36.77 10.48
C ALA A 82 -7.68 37.83 9.42
N ASP A 83 -6.62 38.34 8.78
CA ASP A 83 -6.76 39.25 7.66
C ASP A 83 -6.01 38.68 6.45
N ALA A 84 -6.00 39.42 5.36
CA ALA A 84 -5.37 38.94 4.13
C ALA A 84 -3.91 38.47 4.32
N VAL A 85 -3.17 39.16 5.17
CA VAL A 85 -1.75 38.86 5.43
C VAL A 85 -1.54 37.64 6.32
N THR A 86 -2.23 37.58 7.46
CA THR A 86 -2.05 36.48 8.40
C THR A 86 -2.65 35.17 7.85
N VAL A 87 -3.70 35.29 7.05
CA VAL A 87 -4.36 34.13 6.47
C VAL A 87 -3.51 33.54 5.33
N ALA A 88 -3.03 34.38 4.40
CA ALA A 88 -2.09 33.93 3.38
C ALA A 88 -0.88 33.18 4.00
N ALA A 89 -0.35 33.69 5.10
CA ALA A 89 0.78 33.07 5.79
C ALA A 89 0.42 31.71 6.46
N GLU A 90 -0.78 31.62 7.05
CA GLU A 90 -1.28 30.36 7.59
C GLU A 90 -1.44 29.32 6.47
N LEU A 91 -2.05 29.73 5.34
CA LEU A 91 -2.17 28.87 4.17
C LEU A 91 -0.82 28.40 3.66
N ASP A 92 0.13 29.33 3.53
CA ASP A 92 1.46 28.99 3.07
C ASP A 92 2.15 27.96 3.98
N ARG A 93 2.04 28.13 5.31
CA ARG A 93 2.57 27.15 6.25
C ARG A 93 2.04 25.74 6.00
N ARG A 94 0.79 25.66 5.54
CA ARG A 94 0.16 24.39 5.28
C ARG A 94 0.44 23.89 3.86
N GLY A 95 1.21 24.65 3.09
CA GLY A 95 1.46 24.36 1.67
C GLY A 95 0.25 24.52 0.77
N LEU A 96 -0.70 25.35 1.21
CA LEU A 96 -1.98 25.47 0.50
C LEU A 96 -2.17 26.78 -0.31
N LEU A 97 -1.24 27.71 -0.20
CA LEU A 97 -1.42 29.04 -0.83
C LEU A 97 -1.50 29.04 -2.36
N ARG A 98 -0.69 28.22 -3.04
CA ARG A 98 -0.76 28.17 -4.51
C ARG A 98 -2.02 27.47 -5.02
N ARG A 99 -2.64 26.65 -4.18
CA ARG A 99 -3.89 25.98 -4.51
C ARG A 99 -5.11 26.92 -4.48
N ILE A 100 -5.10 27.92 -3.60
CA ILE A 100 -6.19 28.88 -3.59
C ILE A 100 -5.98 29.98 -4.64
N GLY A 101 -4.74 30.11 -5.11
CA GLY A 101 -4.38 31.19 -6.07
C GLY A 101 -3.63 32.35 -5.42
N GLY A 102 -3.14 32.13 -4.20
CA GLY A 102 -2.31 33.11 -3.51
C GLY A 102 -3.05 34.25 -2.84
N ALA A 103 -2.26 35.17 -2.29
CA ALA A 103 -2.75 36.42 -1.71
C ALA A 103 -3.66 37.24 -2.64
N PRO A 104 -3.35 37.29 -3.95
CA PRO A 104 -4.31 37.97 -4.83
C PRO A 104 -5.74 37.37 -4.79
N TYR A 105 -5.91 36.06 -4.57
CA TYR A 105 -7.27 35.53 -4.42
C TYR A 105 -7.96 36.08 -3.17
N LEU A 106 -7.24 36.11 -2.06
CA LEU A 106 -7.76 36.68 -0.82
C LEU A 106 -8.22 38.14 -0.98
N HIS A 107 -7.46 38.91 -1.76
CA HIS A 107 -7.87 40.28 -2.07
C HIS A 107 -9.12 40.31 -2.96
N THR A 108 -9.21 39.36 -3.89
CA THR A 108 -10.43 39.20 -4.69
C THR A 108 -11.64 38.86 -3.80
N LEU A 109 -11.46 37.98 -2.81
CA LEU A 109 -12.51 37.63 -1.84
C LEU A 109 -13.03 38.83 -1.06
N ILE A 110 -12.11 39.66 -0.56
CA ILE A 110 -12.48 40.88 0.14
C ILE A 110 -13.40 41.76 -0.74
N SER A 111 -13.06 41.88 -2.02
CA SER A 111 -13.75 42.79 -2.94
C SER A 111 -15.15 42.36 -3.39
N THR A 112 -15.57 41.15 -2.99
CA THR A 112 -16.92 40.66 -3.32
C THR A 112 -17.99 41.22 -2.39
N VAL A 113 -17.56 41.92 -1.34
CA VAL A 113 -18.49 42.48 -0.36
C VAL A 113 -18.04 43.86 0.11
N PRO A 114 -19.00 44.79 0.29
CA PRO A 114 -18.61 46.08 0.88
C PRO A 114 -17.99 45.91 2.27
N THR A 115 -18.83 45.57 3.24
CA THR A 115 -18.44 45.36 4.62
C THR A 115 -18.88 43.96 5.09
N ALA A 116 -18.36 43.52 6.22
CA ALA A 116 -18.69 42.20 6.77
C ALA A 116 -20.07 42.11 7.46
N ALA A 117 -20.93 43.12 7.30
CA ALA A 117 -22.24 43.15 8.00
C ALA A 117 -23.15 41.95 7.71
N ASN A 118 -23.20 41.56 6.43
CA ASN A 118 -24.13 40.54 5.98
C ASN A 118 -23.57 39.11 6.01
N ALA A 119 -22.47 38.90 6.72
CA ALA A 119 -21.76 37.60 6.68
C ALA A 119 -22.62 36.43 7.19
N GLY A 120 -23.38 36.65 8.27
CA GLY A 120 -24.29 35.64 8.78
C GLY A 120 -25.38 35.25 7.79
N TYR A 121 -25.93 36.26 7.11
CA TYR A 121 -26.90 36.03 6.06
C TYR A 121 -26.30 35.16 4.95
N TYR A 122 -25.10 35.49 4.48
CA TYR A 122 -24.47 34.70 3.40
C TYR A 122 -24.12 33.30 3.87
N ALA A 123 -23.71 33.18 5.14
CA ALA A 123 -23.45 31.88 5.77
C ALA A 123 -24.72 31.03 5.84
N SER A 124 -25.88 31.66 6.09
CA SER A 124 -27.14 30.92 6.06
C SER A 124 -27.48 30.38 4.63
N ILE A 125 -27.07 31.10 3.57
CA ILE A 125 -27.25 30.59 2.19
C ILE A 125 -26.34 29.39 1.93
N VAL A 126 -25.06 29.54 2.29
CA VAL A 126 -24.08 28.44 2.19
C VAL A 126 -24.55 27.17 2.93
N ALA A 127 -25.09 27.34 4.13
CA ALA A 127 -25.55 26.22 4.95
C ALA A 127 -26.77 25.51 4.34
N GLU A 128 -27.70 26.29 3.78
CA GLU A 128 -28.91 25.76 3.13
C GLU A 128 -28.57 24.99 1.84
N LYS A 129 -27.66 25.53 1.02
CA LYS A 129 -27.17 24.84 -0.16
C LYS A 129 -26.40 23.57 0.17
N ALA A 130 -25.66 23.57 1.28
CA ALA A 130 -24.92 22.39 1.72
C ALA A 130 -25.88 21.28 2.19
N LEU A 131 -26.92 21.64 2.92
CA LEU A 131 -27.98 20.68 3.31
C LEU A 131 -28.54 20.02 2.05
N LEU A 132 -28.96 20.81 1.07
CA LEU A 132 -29.48 20.31 -0.20
C LEU A 132 -28.50 19.41 -0.95
N ARG A 133 -27.25 19.81 -0.99
CA ARG A 133 -26.20 19.04 -1.64
C ARG A 133 -25.94 17.68 -0.97
N ARG A 134 -25.88 17.67 0.36
CA ARG A 134 -25.77 16.41 1.10
C ARG A 134 -27.05 15.55 0.93
N LEU A 135 -28.21 16.19 0.75
CA LEU A 135 -29.44 15.46 0.47
C LEU A 135 -29.31 14.73 -0.89
N VAL A 136 -28.80 15.44 -1.90
CA VAL A 136 -28.53 14.88 -3.21
C VAL A 136 -27.49 13.76 -3.16
N GLU A 137 -26.42 13.97 -2.39
CA GLU A 137 -25.37 12.95 -2.23
C GLU A 137 -25.89 11.68 -1.54
N ALA A 138 -26.63 11.88 -0.45
CA ALA A 138 -27.28 10.79 0.27
C ALA A 138 -28.25 10.01 -0.64
N GLY A 139 -29.03 10.75 -1.43
CA GLY A 139 -30.01 10.15 -2.35
C GLY A 139 -29.33 9.28 -3.40
N THR A 140 -28.24 9.78 -3.97
CA THR A 140 -27.48 9.00 -4.94
C THR A 140 -26.80 7.79 -4.28
N ARG A 141 -26.36 7.96 -3.03
CA ARG A 141 -25.80 6.83 -2.25
C ARG A 141 -26.86 5.73 -1.95
N VAL A 142 -28.07 6.16 -1.59
CA VAL A 142 -29.21 5.23 -1.44
C VAL A 142 -29.45 4.44 -2.74
N VAL A 143 -29.52 5.15 -3.88
CA VAL A 143 -29.61 4.48 -5.19
C VAL A 143 -28.52 3.40 -5.36
N GLN A 144 -27.28 3.76 -5.00
CA GLN A 144 -26.10 2.87 -5.08
C GLN A 144 -26.27 1.62 -4.19
N TYR A 145 -26.85 1.81 -3.03
CA TYR A 145 -27.23 0.72 -2.14
C TYR A 145 -28.27 -0.23 -2.80
N GLY A 146 -29.27 0.34 -3.47
CA GLY A 146 -30.31 -0.45 -4.15
C GLY A 146 -29.71 -1.33 -5.24
N TYR A 147 -28.88 -0.71 -6.08
CA TYR A 147 -28.25 -1.44 -7.19
C TYR A 147 -27.16 -2.41 -6.76
N ALA A 148 -26.49 -2.17 -5.64
CA ALA A 148 -25.29 -2.95 -5.32
C ALA A 148 -25.21 -3.59 -3.93
N GLY A 149 -26.18 -3.30 -3.06
CA GLY A 149 -26.11 -3.81 -1.69
C GLY A 149 -24.95 -3.22 -0.91
N ALA A 150 -24.55 -3.93 0.15
CA ALA A 150 -23.46 -3.49 1.02
C ALA A 150 -22.52 -4.66 1.32
N GLU A 151 -21.62 -4.91 0.37
CA GLU A 151 -20.62 -5.99 0.49
C GLU A 151 -21.24 -7.33 0.94
N GLY A 152 -22.28 -7.77 0.23
CA GLY A 152 -22.93 -9.05 0.53
C GLY A 152 -23.88 -9.08 1.71
N ALA A 153 -24.12 -7.93 2.36
CA ALA A 153 -25.03 -7.86 3.51
C ALA A 153 -26.46 -8.19 3.11
N ASP A 154 -27.24 -8.72 4.05
CA ASP A 154 -28.66 -8.98 3.81
C ASP A 154 -29.43 -7.68 3.60
N VAL A 155 -30.58 -7.78 2.94
CA VAL A 155 -31.39 -6.60 2.60
C VAL A 155 -31.77 -5.75 3.82
N ALA A 156 -32.01 -6.42 4.95
CA ALA A 156 -32.32 -5.72 6.19
C ALA A 156 -31.22 -4.72 6.58
N GLU A 157 -29.95 -5.15 6.53
CA GLU A 157 -28.83 -4.24 6.76
C GLU A 157 -28.71 -3.16 5.68
N VAL A 158 -28.96 -3.52 4.43
CA VAL A 158 -28.86 -2.57 3.32
C VAL A 158 -29.87 -1.43 3.53
N VAL A 159 -31.08 -1.79 3.96
CA VAL A 159 -32.14 -0.83 4.22
C VAL A 159 -31.81 0.06 5.43
N ASP A 160 -31.30 -0.53 6.50
CA ASP A 160 -30.86 0.26 7.66
C ASP A 160 -29.77 1.28 7.30
N ARG A 161 -28.80 0.86 6.50
CA ARG A 161 -27.73 1.74 6.01
C ARG A 161 -28.25 2.86 5.14
N ALA A 162 -29.19 2.56 4.24
CA ALA A 162 -29.74 3.62 3.39
C ALA A 162 -30.58 4.61 4.20
N GLN A 163 -31.28 4.11 5.21
CA GLN A 163 -32.08 4.98 6.08
C GLN A 163 -31.19 5.91 6.94
N ALA A 164 -30.02 5.40 7.36
CA ALA A 164 -29.06 6.20 8.13
C ALA A 164 -28.41 7.31 7.26
N GLU A 165 -28.21 7.01 5.98
CA GLU A 165 -27.69 7.97 5.00
C GLU A 165 -28.54 9.23 4.93
N ILE A 166 -29.85 9.03 4.94
CA ILE A 166 -30.80 10.11 4.82
C ILE A 166 -30.92 10.80 6.19
N TYR A 167 -30.79 10.00 7.26
CA TYR A 167 -30.72 10.56 8.61
C TYR A 167 -29.53 11.52 8.75
N ASP A 168 -28.36 11.09 8.29
CA ASP A 168 -27.11 11.88 8.42
C ASP A 168 -27.03 13.19 7.61
N VAL A 169 -28.09 13.52 6.88
CA VAL A 169 -28.16 14.78 6.14
C VAL A 169 -28.34 15.98 7.08
N GLN B 26 29.98 15.52 -9.04
CA GLN B 26 29.88 14.17 -8.42
C GLN B 26 30.29 14.18 -6.94
N PRO B 27 29.60 13.38 -6.10
CA PRO B 27 29.82 13.40 -4.65
C PRO B 27 31.26 13.05 -4.30
N PRO B 28 31.81 13.62 -3.19
CA PRO B 28 33.16 13.29 -2.71
C PRO B 28 33.36 11.77 -2.61
N GLN B 29 34.43 11.26 -3.22
CA GLN B 29 34.65 9.80 -3.33
C GLN B 29 36.09 9.48 -3.70
N ASP B 30 36.53 8.25 -3.42
CA ASP B 30 37.79 7.76 -3.96
C ASP B 30 37.61 6.27 -4.26
N LEU B 31 37.24 5.95 -5.50
CA LEU B 31 37.00 4.58 -5.91
C LEU B 31 38.25 3.71 -5.82
N ALA B 32 39.40 4.27 -6.18
CA ALA B 32 40.66 3.55 -6.10
C ALA B 32 40.93 3.15 -4.65
N ALA B 33 40.75 4.09 -3.72
CA ALA B 33 40.98 3.78 -2.29
C ALA B 33 39.97 2.74 -1.75
N GLU B 34 38.73 2.79 -2.23
CA GLU B 34 37.74 1.75 -1.88
C GLU B 34 38.19 0.35 -2.30
N GLN B 35 38.70 0.26 -3.53
CA GLN B 35 39.20 -1.02 -4.08
C GLN B 35 40.35 -1.57 -3.25
N SER B 36 41.31 -0.72 -2.94
CA SER B 36 42.48 -1.07 -2.13
C SER B 36 42.12 -1.54 -0.71
N VAL B 37 41.15 -0.86 -0.08
CA VAL B 37 40.61 -1.29 1.22
C VAL B 37 40.04 -2.70 1.16
N LEU B 38 39.21 -2.96 0.16
CA LEU B 38 38.56 -4.25 0.03
C LEU B 38 39.58 -5.37 -0.30
N GLY B 39 40.54 -5.04 -1.15
CA GLY B 39 41.62 -5.97 -1.52
C GLY B 39 42.42 -6.37 -0.29
N GLY B 40 42.77 -5.38 0.53
CA GLY B 40 43.52 -5.59 1.77
C GLY B 40 42.81 -6.49 2.78
N MET B 41 41.54 -6.20 3.03
CA MET B 41 40.66 -6.99 3.87
C MET B 41 40.56 -8.46 3.45
N LEU B 42 40.51 -8.71 2.14
CA LEU B 42 40.42 -10.07 1.59
C LEU B 42 41.74 -10.88 1.77
N LEU B 43 42.85 -10.18 2.03
CA LEU B 43 44.17 -10.80 2.20
C LEU B 43 44.58 -11.04 3.66
N SER B 44 43.93 -10.36 4.59
CA SER B 44 44.42 -10.34 5.95
C SER B 44 43.36 -9.99 6.98
N LYS B 45 43.22 -10.83 8.00
CA LYS B 45 42.36 -10.49 9.14
C LYS B 45 42.81 -9.26 9.93
N ASP B 46 44.13 -9.08 10.07
CA ASP B 46 44.68 -7.87 10.68
C ASP B 46 44.25 -6.60 9.95
N ALA B 47 44.11 -6.68 8.62
CA ALA B 47 43.65 -5.54 7.83
C ALA B 47 42.17 -5.23 8.10
N ILE B 48 41.34 -6.26 8.23
CA ILE B 48 39.93 -6.02 8.58
C ILE B 48 39.85 -5.21 9.88
N ALA B 49 40.60 -5.64 10.91
CA ALA B 49 40.57 -4.96 12.23
C ALA B 49 40.98 -3.51 12.10
N ASP B 50 42.03 -3.25 11.33
CA ASP B 50 42.48 -1.87 11.07
C ASP B 50 41.41 -1.00 10.39
N VAL B 51 40.76 -1.56 9.39
CA VAL B 51 39.74 -0.89 8.60
C VAL B 51 38.51 -0.54 9.47
N LEU B 52 38.11 -1.49 10.30
CA LEU B 52 36.99 -1.33 11.22
C LEU B 52 37.14 -0.17 12.20
N GLU B 53 38.37 0.13 12.60
CA GLU B 53 38.68 1.31 13.42
C GLU B 53 38.20 2.61 12.77
N ARG B 54 38.17 2.63 11.45
CA ARG B 54 37.96 3.87 10.73
C ARG B 54 36.61 3.98 10.02
N LEU B 55 36.10 2.87 9.54
CA LEU B 55 34.89 2.88 8.72
C LEU B 55 33.63 2.50 9.47
N ARG B 56 32.51 3.04 8.99
CA ARG B 56 31.18 2.75 9.51
C ARG B 56 30.35 2.22 8.33
N PRO B 57 29.25 1.47 8.59
CA PRO B 57 28.30 1.14 7.51
C PRO B 57 27.89 2.36 6.68
N GLY B 58 27.84 2.21 5.36
CA GLY B 58 27.43 3.29 4.47
C GLY B 58 28.56 4.14 3.92
N ASP B 59 29.79 3.92 4.39
CA ASP B 59 30.95 4.75 3.99
C ASP B 59 31.42 4.57 2.53
N PHE B 60 31.05 3.47 1.91
CA PHE B 60 31.46 3.22 0.53
C PHE B 60 30.49 3.93 -0.41
N TYR B 61 31.02 4.69 -1.35
CA TYR B 61 30.18 5.34 -2.36
C TYR B 61 29.54 4.31 -3.29
N ARG B 62 30.35 3.40 -3.80
CA ARG B 62 29.84 2.40 -4.76
C ARG B 62 29.08 1.28 -4.03
N PRO B 63 27.80 1.04 -4.40
CA PRO B 63 26.98 -0.04 -3.81
C PRO B 63 27.63 -1.44 -3.83
N ALA B 64 28.26 -1.83 -4.94
CA ALA B 64 28.99 -3.11 -4.99
C ALA B 64 30.06 -3.22 -3.89
N HIS B 65 30.76 -2.12 -3.63
CA HIS B 65 31.78 -2.07 -2.60
C HIS B 65 31.20 -2.20 -1.20
N GLN B 66 30.07 -1.53 -0.93
CA GLN B 66 29.39 -1.70 0.37
C GLN B 66 28.98 -3.14 0.58
N ASN B 67 28.47 -3.79 -0.46
CA ASN B 67 28.03 -5.18 -0.39
C ASN B 67 29.20 -6.08 -0.01
N VAL B 68 30.35 -5.87 -0.66
CA VAL B 68 31.53 -6.69 -0.39
C VAL B 68 31.97 -6.47 1.06
N TYR B 69 32.08 -5.21 1.46
CA TYR B 69 32.45 -4.84 2.82
C TYR B 69 31.54 -5.49 3.87
N ASP B 70 30.22 -5.39 3.65
CA ASP B 70 29.22 -5.95 4.58
C ASP B 70 29.36 -7.48 4.70
N ALA B 71 29.62 -8.15 3.58
CA ALA B 71 29.86 -9.60 3.58
C ALA B 71 31.12 -9.98 4.39
N ILE B 72 32.21 -9.23 4.21
CA ILE B 72 33.43 -9.47 5.02
C ILE B 72 33.16 -9.26 6.53
N LEU B 73 32.49 -8.16 6.87
CA LEU B 73 32.17 -7.89 8.27
C LEU B 73 31.26 -8.98 8.84
N ASP B 74 30.31 -9.46 8.03
CA ASP B 74 29.44 -10.58 8.45
C ASP B 74 30.23 -11.80 8.90
N LEU B 75 31.19 -12.19 8.05
CA LEU B 75 32.07 -13.32 8.31
C LEU B 75 32.97 -13.09 9.53
N TYR B 76 33.61 -11.93 9.56
CA TYR B 76 34.50 -11.55 10.65
C TYR B 76 33.80 -11.51 12.03
N GLY B 77 32.58 -10.97 12.07
CA GLY B 77 31.77 -10.93 13.30
C GLY B 77 31.38 -12.32 13.79
N ARG B 78 31.47 -13.31 12.90
CA ARG B 78 31.19 -14.70 13.21
C ARG B 78 32.42 -15.52 13.49
N GLY B 79 33.60 -14.89 13.46
CA GLY B 79 34.84 -15.62 13.66
C GLY B 79 35.20 -16.55 12.52
N GLU B 80 34.63 -16.30 11.34
CA GLU B 80 35.00 -17.04 10.15
C GLU B 80 35.97 -16.22 9.31
N PRO B 81 36.89 -16.90 8.59
CA PRO B 81 37.84 -16.19 7.74
C PRO B 81 37.16 -15.59 6.52
N ALA B 82 37.69 -14.48 6.03
CA ALA B 82 37.13 -13.79 4.87
C ALA B 82 38.14 -13.78 3.73
N ASP B 83 38.09 -14.79 2.88
CA ASP B 83 38.97 -14.84 1.72
C ASP B 83 38.04 -14.87 0.51
N ALA B 84 38.61 -14.97 -0.69
CA ALA B 84 37.81 -14.93 -1.91
C ALA B 84 36.67 -15.94 -1.95
N VAL B 85 36.94 -17.14 -1.46
CA VAL B 85 35.96 -18.24 -1.43
C VAL B 85 34.84 -18.01 -0.42
N THR B 86 35.17 -17.70 0.83
CA THR B 86 34.15 -17.56 1.87
C THR B 86 33.28 -16.29 1.67
N VAL B 87 33.88 -15.26 1.08
CA VAL B 87 33.18 -14.00 0.80
C VAL B 87 32.24 -14.12 -0.41
N ALA B 88 32.69 -14.75 -1.50
CA ALA B 88 31.83 -15.03 -2.66
C ALA B 88 30.59 -15.84 -2.27
N ALA B 89 30.76 -16.77 -1.32
CA ALA B 89 29.66 -17.58 -0.83
C ALA B 89 28.71 -16.78 0.07
N GLU B 90 29.26 -15.90 0.92
CA GLU B 90 28.44 -15.01 1.73
C GLU B 90 27.64 -14.05 0.83
N LEU B 91 28.28 -13.48 -0.20
CA LEU B 91 27.56 -12.67 -1.22
C LEU B 91 26.49 -13.44 -1.98
N ASP B 92 26.81 -14.66 -2.41
CA ASP B 92 25.86 -15.56 -3.07
C ASP B 92 24.63 -15.88 -2.18
N ARG B 93 24.85 -16.13 -0.89
CA ARG B 93 23.73 -16.32 0.04
C ARG B 93 22.81 -15.10 0.07
N ARG B 94 23.40 -13.91 -0.10
CA ARG B 94 22.63 -12.67 -0.07
C ARG B 94 21.99 -12.32 -1.43
N GLY B 95 22.22 -13.15 -2.45
CA GLY B 95 21.78 -12.86 -3.82
C GLY B 95 22.54 -11.73 -4.51
N LEU B 96 23.72 -11.38 -4.00
CA LEU B 96 24.44 -10.20 -4.48
C LEU B 96 25.70 -10.50 -5.30
N LEU B 97 26.06 -11.77 -5.41
CA LEU B 97 27.30 -12.16 -6.09
C LEU B 97 27.29 -11.77 -7.57
N ARG B 98 26.16 -12.01 -8.24
CA ARG B 98 25.98 -11.63 -9.65
C ARG B 98 25.87 -10.12 -9.82
N ARG B 99 25.30 -9.45 -8.83
CA ARG B 99 25.20 -7.99 -8.82
C ARG B 99 26.57 -7.31 -9.05
N ILE B 100 27.62 -7.88 -8.47
CA ILE B 100 28.96 -7.28 -8.47
C ILE B 100 29.94 -7.87 -9.50
N GLY B 101 29.57 -8.98 -10.12
CA GLY B 101 30.39 -9.61 -11.17
C GLY B 101 31.18 -10.83 -10.71
N GLY B 102 30.68 -11.50 -9.67
CA GLY B 102 31.21 -12.81 -9.29
C GLY B 102 32.58 -12.80 -8.64
N ALA B 103 33.10 -13.99 -8.36
CA ALA B 103 34.41 -14.13 -7.75
C ALA B 103 35.52 -13.47 -8.55
N PRO B 104 35.41 -13.42 -9.90
CA PRO B 104 36.45 -12.72 -10.67
C PRO B 104 36.61 -11.27 -10.21
N TYR B 105 35.50 -10.63 -9.82
CA TYR B 105 35.58 -9.27 -9.29
C TYR B 105 36.39 -9.21 -7.98
N LEU B 106 36.16 -10.16 -7.09
CA LEU B 106 36.94 -10.27 -5.85
C LEU B 106 38.43 -10.47 -6.13
N HIS B 107 38.74 -11.27 -7.14
CA HIS B 107 40.14 -11.47 -7.55
C HIS B 107 40.77 -10.20 -8.12
N THR B 108 39.99 -9.44 -8.88
CA THR B 108 40.42 -8.10 -9.36
C THR B 108 40.75 -7.17 -8.18
N LEU B 109 39.87 -7.10 -7.18
CA LEU B 109 40.11 -6.30 -5.96
C LEU B 109 41.39 -6.68 -5.25
N ILE B 110 41.63 -7.98 -5.11
CA ILE B 110 42.86 -8.47 -4.49
C ILE B 110 44.11 -7.99 -5.27
N SER B 111 44.01 -8.05 -6.60
CA SER B 111 45.07 -7.60 -7.52
C SER B 111 45.38 -6.11 -7.47
N THR B 112 44.48 -5.29 -6.91
CA THR B 112 44.73 -3.85 -6.78
C THR B 112 45.81 -3.55 -5.73
N VAL B 113 45.99 -4.46 -4.77
CA VAL B 113 47.01 -4.27 -3.73
C VAL B 113 48.10 -5.35 -3.74
N PRO B 114 49.36 -4.95 -3.48
CA PRO B 114 50.39 -5.94 -3.12
C PRO B 114 50.04 -6.61 -1.79
N THR B 115 50.46 -6.03 -0.67
CA THR B 115 50.09 -6.52 0.66
C THR B 115 48.79 -5.89 1.18
N ALA B 116 48.44 -6.18 2.42
CA ALA B 116 47.34 -5.50 3.11
C ALA B 116 47.92 -4.48 4.12
N ALA B 117 49.18 -4.11 3.89
CA ALA B 117 49.92 -3.21 4.80
C ALA B 117 49.30 -1.81 4.88
N ASN B 118 48.84 -1.31 3.74
CA ASN B 118 48.32 0.04 3.65
C ASN B 118 46.80 0.15 3.87
N ALA B 119 46.13 -0.95 4.24
CA ALA B 119 44.66 -0.97 4.35
C ALA B 119 44.04 0.13 5.23
N GLY B 120 44.65 0.38 6.39
CA GLY B 120 44.21 1.48 7.27
C GLY B 120 44.40 2.86 6.66
N TYR B 121 45.52 3.04 5.97
CA TYR B 121 45.76 4.27 5.24
C TYR B 121 44.64 4.52 4.21
N TYR B 122 44.32 3.51 3.40
CA TYR B 122 43.26 3.68 2.41
C TYR B 122 41.89 3.85 3.04
N ALA B 123 41.65 3.19 4.18
CA ALA B 123 40.40 3.34 4.93
C ALA B 123 40.24 4.79 5.40
N SER B 124 41.33 5.42 5.82
CA SER B 124 41.28 6.81 6.27
C SER B 124 40.84 7.77 5.13
N ILE B 125 41.23 7.46 3.90
CA ILE B 125 40.80 8.20 2.70
C ILE B 125 39.31 8.00 2.52
N VAL B 126 38.86 6.75 2.54
CA VAL B 126 37.45 6.42 2.35
C VAL B 126 36.58 7.10 3.42
N ALA B 127 37.06 7.12 4.66
CA ALA B 127 36.38 7.76 5.79
C ALA B 127 36.26 9.28 5.63
N GLU B 128 37.34 9.93 5.21
CA GLU B 128 37.34 11.35 4.92
C GLU B 128 36.33 11.71 3.84
N LYS B 129 36.32 10.94 2.74
CA LYS B 129 35.39 11.16 1.64
C LYS B 129 33.95 10.90 2.08
N ALA B 130 33.75 9.90 2.94
CA ALA B 130 32.45 9.62 3.49
C ALA B 130 31.98 10.80 4.36
N LEU B 131 32.85 11.31 5.23
CA LEU B 131 32.54 12.51 6.05
C LEU B 131 32.03 13.66 5.19
N LEU B 132 32.83 14.03 4.19
CA LEU B 132 32.48 15.07 3.23
C LEU B 132 31.19 14.84 2.43
N ARG B 133 30.97 13.60 1.97
CA ARG B 133 29.71 13.24 1.31
C ARG B 133 28.50 13.39 2.22
N ARG B 134 28.63 12.95 3.47
CA ARG B 134 27.53 13.09 4.42
C ARG B 134 27.21 14.55 4.74
N LEU B 135 28.23 15.40 4.65
CA LEU B 135 28.08 16.84 4.82
C LEU B 135 27.31 17.45 3.65
N VAL B 136 27.74 17.15 2.42
CA VAL B 136 26.97 17.49 1.22
C VAL B 136 25.52 17.02 1.32
N GLU B 137 25.30 15.74 1.65
CA GLU B 137 23.94 15.19 1.77
C GLU B 137 23.10 15.85 2.87
N ALA B 138 23.73 16.12 4.02
CA ALA B 138 23.01 16.73 5.15
C ALA B 138 22.66 18.18 4.80
N GLY B 139 23.60 18.89 4.20
CA GLY B 139 23.39 20.25 3.71
C GLY B 139 22.19 20.35 2.78
N THR B 140 22.12 19.50 1.76
CA THR B 140 21.01 19.59 0.81
C THR B 140 19.69 19.21 1.47
N ARG B 141 19.76 18.32 2.47
CA ARG B 141 18.59 17.99 3.26
C ARG B 141 18.08 19.22 4.03
N VAL B 142 19.01 19.99 4.60
CA VAL B 142 18.68 21.22 5.34
C VAL B 142 18.03 22.28 4.43
N VAL B 143 18.62 22.50 3.25
CA VAL B 143 18.05 23.35 2.22
C VAL B 143 16.61 22.92 1.91
N GLN B 144 16.42 21.64 1.63
CA GLN B 144 15.08 21.11 1.38
C GLN B 144 14.08 21.45 2.48
N TYR B 145 14.49 21.29 3.74
CA TYR B 145 13.65 21.62 4.89
C TYR B 145 13.30 23.11 4.98
N GLY B 146 14.27 23.96 4.63
CA GLY B 146 14.07 25.41 4.58
C GLY B 146 13.00 25.80 3.59
N TYR B 147 13.08 25.25 2.37
CA TYR B 147 12.08 25.50 1.31
C TYR B 147 10.73 24.87 1.62
N ALA B 148 10.73 23.63 2.09
CA ALA B 148 9.50 22.97 2.49
C ALA B 148 9.29 23.13 4.00
N GLY B 149 9.20 24.39 4.43
CA GLY B 149 9.15 24.73 5.85
C GLY B 149 7.79 24.81 6.49
N ALA B 150 7.72 24.39 7.75
CA ALA B 150 6.53 24.47 8.61
C ALA B 150 5.34 23.63 8.12
N GLU B 151 5.58 22.79 7.10
CA GLU B 151 4.54 21.95 6.49
C GLU B 151 3.59 21.41 7.56
N GLY B 152 4.16 20.85 8.61
CA GLY B 152 3.38 20.38 9.74
C GLY B 152 3.65 21.10 11.07
N ALA B 153 4.80 21.78 11.19
CA ALA B 153 5.18 22.32 12.50
C ALA B 153 4.37 23.49 13.14
N ASP B 154 4.86 24.29 14.11
CA ASP B 154 5.96 25.28 14.08
C ASP B 154 7.39 25.09 13.51
N VAL B 155 7.93 26.20 13.02
CA VAL B 155 9.27 26.29 12.43
C VAL B 155 10.40 25.74 13.33
N ALA B 156 10.13 25.60 14.63
CA ALA B 156 11.12 25.06 15.58
C ALA B 156 11.43 23.59 15.30
N GLU B 157 10.41 22.83 14.92
CA GLU B 157 10.61 21.43 14.59
C GLU B 157 11.25 21.24 13.24
N VAL B 158 11.13 22.25 12.38
CA VAL B 158 11.86 22.29 11.11
C VAL B 158 13.35 22.43 11.41
N VAL B 159 13.67 23.41 12.25
CA VAL B 159 15.06 23.68 12.67
C VAL B 159 15.67 22.46 13.37
N ASP B 160 14.90 21.85 14.27
CA ASP B 160 15.34 20.63 14.94
C ASP B 160 15.63 19.46 13.99
N ARG B 161 14.83 19.30 12.94
CA ARG B 161 15.08 18.24 11.95
C ARG B 161 16.40 18.51 11.25
N ALA B 162 16.59 19.77 10.84
CA ALA B 162 17.84 20.25 10.25
C ALA B 162 19.05 19.93 11.12
N GLN B 163 18.97 20.26 12.41
CA GLN B 163 20.08 20.02 13.35
C GLN B 163 20.37 18.53 13.59
N ALA B 164 19.30 17.73 13.69
CA ALA B 164 19.41 16.27 13.75
C ALA B 164 20.23 15.68 12.60
N GLU B 165 20.13 16.30 11.41
CA GLU B 165 20.88 15.85 10.22
C GLU B 165 22.39 16.01 10.40
N ILE B 166 22.80 17.15 10.93
CA ILE B 166 24.21 17.46 11.15
C ILE B 166 24.79 16.74 12.38
N TYR B 167 23.96 16.54 13.42
CA TYR B 167 24.35 15.73 14.58
C TYR B 167 24.79 14.38 14.07
N ASP B 168 24.00 13.80 13.17
CA ASP B 168 24.30 12.50 12.55
C ASP B 168 25.71 12.47 11.93
N VAL B 169 26.08 13.56 11.27
CA VAL B 169 27.38 13.74 10.59
C VAL B 169 28.52 14.02 11.56
N ALA B 170 28.34 15.04 12.41
CA ALA B 170 29.34 15.52 13.35
C ALA B 170 29.94 14.43 14.26
N GLN C 26 11.52 31.84 -4.76
CA GLN C 26 12.08 30.65 -4.05
C GLN C 26 12.59 30.92 -2.65
N PRO C 27 13.49 31.92 -2.46
CA PRO C 27 13.96 32.11 -1.08
C PRO C 27 12.77 32.39 -0.17
N PRO C 28 12.67 31.68 0.97
CA PRO C 28 11.55 31.90 1.89
C PRO C 28 11.43 33.38 2.26
N GLN C 29 10.24 33.94 2.05
CA GLN C 29 9.94 35.36 2.24
C GLN C 29 8.45 35.60 2.12
N ASP C 30 7.97 36.70 2.71
CA ASP C 30 6.56 37.10 2.56
C ASP C 30 6.56 38.59 2.32
N LEU C 31 6.53 38.99 1.05
CA LEU C 31 6.71 40.41 0.75
C LEU C 31 5.54 41.25 1.27
N ALA C 32 4.33 40.71 1.21
CA ALA C 32 3.17 41.41 1.74
C ALA C 32 3.26 41.62 3.25
N ALA C 33 3.80 40.64 3.97
CA ALA C 33 4.02 40.78 5.42
C ALA C 33 5.07 41.83 5.72
N GLU C 34 6.14 41.85 4.92
CA GLU C 34 7.18 42.90 5.04
C GLU C 34 6.56 44.28 4.83
N GLN C 35 5.77 44.44 3.76
CA GLN C 35 5.12 45.74 3.47
C GLN C 35 4.18 46.19 4.61
N SER C 36 3.48 45.23 5.20
CA SER C 36 2.51 45.47 6.25
C SER C 36 3.16 45.78 7.61
N VAL C 37 4.30 45.14 7.90
CA VAL C 37 5.13 45.56 9.06
C VAL C 37 5.50 47.05 8.93
N LEU C 38 6.02 47.41 7.75
CA LEU C 38 6.50 48.78 7.50
C LEU C 38 5.36 49.81 7.54
N GLY C 39 4.23 49.44 6.95
CA GLY C 39 3.05 50.30 6.86
C GLY C 39 2.47 50.59 8.22
N GLY C 40 2.42 49.56 9.08
CA GLY C 40 1.94 49.66 10.45
C GLY C 40 2.81 50.59 11.30
N MET C 41 4.12 50.44 11.17
CA MET C 41 5.09 51.29 11.87
C MET C 41 4.96 52.75 11.45
N LEU C 42 4.69 52.99 10.16
CA LEU C 42 4.52 54.34 9.65
C LEU C 42 3.20 55.00 10.08
N LEU C 43 2.20 54.18 10.40
CA LEU C 43 0.88 54.65 10.80
C LEU C 43 0.67 54.71 12.31
N SER C 44 1.60 54.14 13.08
CA SER C 44 1.41 53.96 14.52
C SER C 44 2.71 53.82 15.31
N LYS C 45 2.92 54.74 16.26
CA LYS C 45 4.11 54.69 17.10
C LYS C 45 4.14 53.43 17.96
N ASP C 46 2.99 53.04 18.50
CA ASP C 46 2.87 51.80 19.27
C ASP C 46 3.24 50.54 18.48
N ALA C 47 2.97 50.54 17.17
CA ALA C 47 3.37 49.45 16.27
C ALA C 47 4.89 49.27 16.23
N ILE C 48 5.64 50.38 16.24
CA ILE C 48 7.10 50.31 16.21
C ILE C 48 7.66 49.53 17.39
N ALA C 49 7.13 49.80 18.58
CA ALA C 49 7.51 49.11 19.81
C ALA C 49 7.26 47.61 19.72
N ASP C 50 6.12 47.23 19.14
CA ASP C 50 5.76 45.81 18.95
C ASP C 50 6.68 45.08 17.97
N VAL C 51 7.08 45.78 16.90
CA VAL C 51 7.92 45.19 15.86
C VAL C 51 9.35 45.04 16.36
N LEU C 52 9.81 46.01 17.15
CA LEU C 52 11.16 46.00 17.71
C LEU C 52 11.51 44.73 18.49
N GLU C 53 10.54 44.18 19.21
CA GLU C 53 10.73 42.98 20.02
C GLU C 53 10.81 41.71 19.18
N ARG C 54 10.63 41.82 17.88
CA ARG C 54 10.51 40.64 17.01
C ARG C 54 11.45 40.60 15.82
N LEU C 55 11.98 41.76 15.42
CA LEU C 55 12.74 41.84 14.17
C LEU C 55 14.11 42.50 14.30
N ARG C 56 14.98 42.13 13.36
CA ARG C 56 16.22 42.84 13.10
C ARG C 56 16.10 43.33 11.66
N PRO C 57 16.78 44.44 11.31
CA PRO C 57 16.75 44.91 9.91
C PRO C 57 17.11 43.80 8.93
N GLY C 58 17.96 42.86 9.38
CA GLY C 58 18.42 41.74 8.58
C GLY C 58 17.34 40.74 8.19
N ASP C 59 16.21 40.78 8.89
CA ASP C 59 15.11 39.84 8.64
C ASP C 59 14.35 40.12 7.36
N PHE C 60 14.46 41.35 6.86
CA PHE C 60 13.77 41.74 5.65
C PHE C 60 14.53 41.21 4.44
N TYR C 61 13.82 40.58 3.51
CA TYR C 61 14.44 40.06 2.28
C TYR C 61 14.86 41.18 1.34
N ARG C 62 13.96 42.14 1.12
CA ARG C 62 14.18 43.29 0.27
C ARG C 62 15.15 44.31 0.94
N PRO C 63 16.28 44.63 0.29
CA PRO C 63 17.11 45.75 0.81
C PRO C 63 16.34 47.06 1.03
N ALA C 64 15.44 47.40 0.11
CA ALA C 64 14.59 48.59 0.23
C ALA C 64 13.82 48.60 1.55
N HIS C 65 13.27 47.45 1.92
CA HIS C 65 12.58 47.32 3.20
C HIS C 65 13.52 47.47 4.41
N GLN C 66 14.72 46.91 4.33
CA GLN C 66 15.76 47.09 5.36
C GLN C 66 16.09 48.59 5.61
N ASN C 67 16.27 49.36 4.54
CA ASN C 67 16.52 50.83 4.63
C ASN C 67 15.33 51.59 5.22
N VAL C 68 14.12 51.28 4.75
CA VAL C 68 12.92 51.95 5.27
C VAL C 68 12.85 51.69 6.79
N TYR C 69 13.09 50.44 7.18
CA TYR C 69 13.04 50.02 8.58
C TYR C 69 14.08 50.77 9.45
N ASP C 70 15.32 50.83 8.96
CA ASP C 70 16.41 51.55 9.63
C ASP C 70 16.05 53.03 9.85
N ALA C 71 15.49 53.65 8.81
CA ALA C 71 15.04 55.05 8.84
C ALA C 71 13.97 55.30 9.89
N ILE C 72 12.95 54.44 9.96
CA ILE C 72 11.93 54.51 11.01
C ILE C 72 12.55 54.38 12.40
N LEU C 73 13.43 53.40 12.56
CA LEU C 73 14.05 53.16 13.86
C LEU C 73 14.98 54.31 14.29
N ASP C 74 15.61 54.95 13.30
CA ASP C 74 16.44 56.11 13.58
C ASP C 74 15.58 57.27 14.11
N LEU C 75 14.58 57.69 13.34
CA LEU C 75 13.58 58.64 13.83
C LEU C 75 13.06 58.27 15.21
N TYR C 76 12.59 57.03 15.37
CA TYR C 76 12.03 56.57 16.63
C TYR C 76 13.01 56.68 17.82
N GLY C 77 14.25 56.27 17.59
CA GLY C 77 15.28 56.27 18.65
C GLY C 77 15.66 57.67 19.14
N ARG C 78 15.36 58.67 18.32
CA ARG C 78 15.60 60.08 18.67
C ARG C 78 14.30 60.77 19.11
N GLY C 79 13.25 59.99 19.37
CA GLY C 79 11.97 60.53 19.79
C GLY C 79 11.26 61.40 18.76
N GLU C 80 11.59 61.20 17.50
CA GLU C 80 10.95 61.93 16.41
C GLU C 80 9.81 61.11 15.76
N PRO C 81 8.65 61.76 15.48
CA PRO C 81 7.55 61.16 14.70
C PRO C 81 8.00 60.49 13.39
N ALA C 82 7.57 59.24 13.18
CA ALA C 82 7.93 58.51 11.98
C ALA C 82 6.70 58.23 11.11
N ASP C 83 6.37 59.17 10.23
CA ASP C 83 5.27 58.97 9.28
C ASP C 83 5.78 59.03 7.84
N ALA C 84 4.88 58.83 6.87
CA ALA C 84 5.27 58.86 5.45
C ALA C 84 6.16 60.05 5.11
N VAL C 85 5.78 61.24 5.59
CA VAL C 85 6.49 62.47 5.22
C VAL C 85 7.87 62.55 5.87
N THR C 86 7.94 62.40 7.18
CA THR C 86 9.20 62.51 7.89
C THR C 86 10.18 61.39 7.56
N VAL C 87 9.67 60.19 7.31
CA VAL C 87 10.56 59.09 6.92
C VAL C 87 11.17 59.34 5.53
N ALA C 88 10.36 59.86 4.60
CA ALA C 88 10.85 60.24 3.27
C ALA C 88 11.98 61.25 3.36
N ALA C 89 11.82 62.23 4.25
CA ALA C 89 12.84 63.26 4.52
C ALA C 89 14.13 62.63 5.04
N GLU C 90 13.99 61.65 5.94
CA GLU C 90 15.15 60.97 6.50
C GLU C 90 15.87 60.08 5.46
N LEU C 91 15.09 59.42 4.60
CA LEU C 91 15.66 58.61 3.53
C LEU C 91 16.37 59.47 2.48
N ASP C 92 15.76 60.60 2.15
CA ASP C 92 16.33 61.59 1.22
C ASP C 92 17.71 62.03 1.69
N ARG C 93 17.82 62.34 2.98
CA ARG C 93 19.10 62.73 3.59
C ARG C 93 20.20 61.67 3.54
N ARG C 94 19.83 60.39 3.65
CA ARG C 94 20.81 59.29 3.53
C ARG C 94 21.11 58.98 2.07
N GLY C 95 20.41 59.65 1.16
CA GLY C 95 20.54 59.44 -0.27
C GLY C 95 19.90 58.14 -0.75
N LEU C 96 18.74 57.80 -0.20
CA LEU C 96 18.12 56.50 -0.43
C LEU C 96 16.64 56.53 -0.85
N LEU C 97 16.03 57.72 -0.88
CA LEU C 97 14.61 57.85 -1.18
C LEU C 97 14.25 57.31 -2.58
N ARG C 98 15.05 57.67 -3.58
CA ARG C 98 14.90 57.13 -4.93
C ARG C 98 15.13 55.61 -4.96
N ARG C 99 16.16 55.14 -4.26
CA ARG C 99 16.49 53.72 -4.24
C ARG C 99 15.36 52.83 -3.69
N ILE C 100 14.76 53.25 -2.58
CA ILE C 100 13.64 52.50 -1.98
C ILE C 100 12.32 52.66 -2.76
N GLY C 101 12.31 53.54 -3.74
CA GLY C 101 11.12 53.74 -4.57
C GLY C 101 10.35 55.04 -4.31
N GLY C 102 10.92 55.92 -3.50
CA GLY C 102 10.33 57.24 -3.27
C GLY C 102 9.05 57.25 -2.46
N ALA C 103 8.45 58.44 -2.37
CA ALA C 103 7.16 58.63 -1.70
C ALA C 103 6.03 57.77 -2.28
N PRO C 104 6.01 57.55 -3.63
CA PRO C 104 4.99 56.61 -4.13
C PRO C 104 5.08 55.24 -3.43
N TYR C 105 6.29 54.71 -3.24
CA TYR C 105 6.44 53.41 -2.56
C TYR C 105 6.03 53.47 -1.09
N LEU C 106 6.38 54.54 -0.38
CA LEU C 106 5.97 54.70 1.02
C LEU C 106 4.45 54.71 1.14
N HIS C 107 3.78 55.31 0.14
CA HIS C 107 2.32 55.32 0.07
C HIS C 107 1.77 53.91 -0.13
N THR C 108 2.45 53.13 -0.96
CA THR C 108 2.11 51.73 -1.16
C THR C 108 2.15 50.95 0.16
N LEU C 109 3.22 51.14 0.94
CA LEU C 109 3.34 50.48 2.24
C LEU C 109 2.16 50.82 3.15
N ILE C 110 1.83 52.10 3.23
CA ILE C 110 0.74 52.58 4.08
C ILE C 110 -0.63 52.05 3.61
N SER C 111 -0.82 51.94 2.30
CA SER C 111 -2.04 51.34 1.76
C SER C 111 -2.14 49.85 2.03
N THR C 112 -1.01 49.16 2.09
CA THR C 112 -0.98 47.69 2.10
C THR C 112 -1.40 47.08 3.44
N VAL C 113 -0.87 47.63 4.54
CA VAL C 113 -1.13 47.07 5.87
C VAL C 113 -2.64 46.95 6.16
N PRO C 114 -3.12 45.73 6.49
CA PRO C 114 -4.54 45.60 6.85
C PRO C 114 -4.94 46.47 8.07
N THR C 115 -4.27 46.27 9.20
CA THR C 115 -4.56 46.93 10.48
C THR C 115 -3.22 47.24 11.12
N ALA C 116 -2.98 48.51 11.46
CA ALA C 116 -1.67 48.93 11.98
C ALA C 116 -1.38 48.35 13.38
N ALA C 117 -2.41 48.22 14.22
CA ALA C 117 -2.24 47.61 15.54
C ALA C 117 -1.80 46.13 15.51
N ASN C 118 -1.89 45.49 14.35
CA ASN C 118 -1.45 44.09 14.21
C ASN C 118 -0.01 43.91 13.71
N ALA C 119 0.74 45.01 13.64
CA ALA C 119 2.11 45.00 13.11
C ALA C 119 3.00 43.92 13.73
N GLY C 120 2.81 43.63 15.02
CA GLY C 120 3.53 42.53 15.68
C GLY C 120 3.26 41.14 15.12
N TYR C 121 2.00 40.90 14.74
CA TYR C 121 1.64 39.65 14.08
C TYR C 121 2.32 39.56 12.73
N TYR C 122 2.37 40.67 12.00
CA TYR C 122 3.09 40.68 10.72
C TYR C 122 4.57 40.49 10.91
N ALA C 123 5.12 41.07 11.97
CA ALA C 123 6.56 40.91 12.29
C ALA C 123 6.93 39.45 12.59
N SER C 124 6.08 38.75 13.34
CA SER C 124 6.28 37.31 13.61
C SER C 124 6.40 36.52 12.29
N ILE C 125 5.52 36.82 11.33
CA ILE C 125 5.57 36.21 10.00
C ILE C 125 6.92 36.48 9.32
N VAL C 126 7.34 37.75 9.29
CA VAL C 126 8.64 38.11 8.69
C VAL C 126 9.79 37.36 9.40
N ALA C 127 9.73 37.29 10.72
CA ALA C 127 10.78 36.66 11.51
C ALA C 127 10.88 35.16 11.19
N GLU C 128 9.73 34.49 11.12
CA GLU C 128 9.64 33.07 10.77
C GLU C 128 10.18 32.78 9.39
N LYS C 129 9.85 33.62 8.41
CA LYS C 129 10.44 33.48 7.09
C LYS C 129 11.95 33.71 7.08
N ALA C 130 12.40 34.64 7.89
CA ALA C 130 13.82 34.93 8.00
C ALA C 130 14.56 33.70 8.54
N LEU C 131 13.98 33.04 9.55
CA LEU C 131 14.56 31.81 10.10
C LEU C 131 14.67 30.71 9.04
N LEU C 132 13.59 30.46 8.31
CA LEU C 132 13.59 29.49 7.20
C LEU C 132 14.64 29.85 6.15
N ARG C 133 14.76 31.13 5.85
CA ARG C 133 15.70 31.58 4.82
C ARG C 133 17.14 31.39 5.28
N ARG C 134 17.38 31.59 6.58
CA ARG C 134 18.73 31.36 7.15
C ARG C 134 19.09 29.86 7.13
N LEU C 135 18.08 29.01 7.25
CA LEU C 135 18.23 27.57 7.08
C LEU C 135 18.67 27.15 5.67
N VAL C 136 18.00 27.67 4.64
CA VAL C 136 18.41 27.47 3.24
C VAL C 136 19.86 27.94 3.03
N GLU C 137 20.15 29.15 3.53
CA GLU C 137 21.48 29.72 3.43
C GLU C 137 22.56 28.91 4.15
N ALA C 138 22.26 28.41 5.35
CA ALA C 138 23.15 27.54 6.12
C ALA C 138 23.43 26.22 5.40
N GLY C 139 22.36 25.54 4.95
CA GLY C 139 22.46 24.28 4.21
C GLY C 139 23.30 24.43 2.96
N THR C 140 23.06 25.52 2.22
CA THR C 140 23.82 25.81 1.02
C THR C 140 25.30 25.93 1.34
N ARG C 141 25.66 26.62 2.41
CA ARG C 141 27.08 26.73 2.69
C ARG C 141 27.73 25.46 3.28
N VAL C 142 26.99 24.63 4.01
CA VAL C 142 27.57 23.33 4.42
C VAL C 142 27.85 22.46 3.18
N VAL C 143 26.96 22.49 2.19
CA VAL C 143 27.18 21.83 0.90
C VAL C 143 28.50 22.32 0.28
N GLN C 144 28.66 23.64 0.21
CA GLN C 144 29.89 24.24 -0.31
C GLN C 144 31.15 23.79 0.45
N TYR C 145 31.04 23.66 1.77
CA TYR C 145 32.15 23.19 2.62
C TYR C 145 32.49 21.74 2.34
N GLY C 146 31.47 20.94 2.02
CA GLY C 146 31.66 19.53 1.68
C GLY C 146 32.49 19.34 0.42
N TYR C 147 32.19 20.13 -0.60
CA TYR C 147 32.91 20.07 -1.88
C TYR C 147 34.29 20.73 -1.81
N ALA C 148 34.52 21.47 -0.74
CA ALA C 148 35.85 21.98 -0.43
C ALA C 148 36.57 20.99 0.47
N GLY C 149 37.89 20.90 0.34
CA GLY C 149 38.68 19.97 1.15
C GLY C 149 38.33 18.51 0.90
N ALA C 156 37.94 17.75 10.08
CA ALA C 156 37.57 18.56 11.24
C ALA C 156 37.65 20.06 10.95
N GLU C 157 38.42 20.42 9.92
CA GLU C 157 38.56 21.81 9.48
C GLU C 157 37.24 22.34 8.92
N VAL C 158 36.46 21.45 8.34
CA VAL C 158 35.25 21.82 7.61
C VAL C 158 34.03 21.37 8.42
N VAL C 159 34.13 20.19 9.03
CA VAL C 159 33.10 19.67 9.92
C VAL C 159 32.70 20.66 11.02
N ASP C 160 33.69 21.39 11.55
CA ASP C 160 33.47 22.36 12.62
C ASP C 160 32.70 23.60 12.14
N ARG C 161 33.19 24.21 11.05
CA ARG C 161 32.60 25.41 10.46
C ARG C 161 31.15 25.17 10.02
N ALA C 162 30.90 23.99 9.46
CA ALA C 162 29.57 23.58 9.03
C ALA C 162 28.63 23.31 10.21
N GLN C 163 29.18 22.71 11.26
CA GLN C 163 28.45 22.46 12.50
C GLN C 163 27.96 23.80 13.08
N ALA C 164 28.87 24.77 13.11
CA ALA C 164 28.58 26.13 13.59
C ALA C 164 27.43 26.79 12.82
N GLU C 165 27.46 26.67 11.50
CA GLU C 165 26.47 27.30 10.63
C GLU C 165 25.02 26.93 10.93
N ILE C 166 24.77 25.70 11.34
CA ILE C 166 23.38 25.25 11.47
C ILE C 166 22.83 25.33 12.92
N TYR C 167 23.71 25.38 13.91
CA TYR C 167 23.29 25.74 15.29
C TYR C 167 23.21 27.25 15.45
N ASP C 168 23.87 27.96 14.53
CA ASP C 168 23.89 29.43 14.48
C ASP C 168 22.57 30.01 13.93
N VAL C 169 21.73 29.15 13.35
CA VAL C 169 20.51 29.57 12.62
C VAL C 169 19.46 30.28 13.50
N ARG D 25 17.49 -23.89 -14.38
CA ARG D 25 18.25 -23.12 -13.35
C ARG D 25 19.44 -23.94 -12.85
N GLN D 26 20.49 -23.22 -12.44
CA GLN D 26 21.68 -23.86 -11.93
C GLN D 26 21.36 -24.55 -10.60
N PRO D 27 21.69 -25.84 -10.50
CA PRO D 27 21.57 -26.56 -9.24
C PRO D 27 22.48 -25.88 -8.21
N PRO D 28 22.01 -25.72 -6.96
CA PRO D 28 22.87 -25.08 -5.96
C PRO D 28 24.20 -25.81 -5.78
N GLN D 29 25.28 -25.05 -5.83
CA GLN D 29 26.65 -25.59 -5.79
C GLN D 29 27.62 -24.42 -5.59
N ASP D 30 28.84 -24.73 -5.15
CA ASP D 30 29.91 -23.73 -5.14
C ASP D 30 31.21 -24.43 -5.57
N LEU D 31 31.54 -24.33 -6.85
CA LEU D 31 32.67 -25.05 -7.44
C LEU D 31 34.04 -24.60 -6.90
N ALA D 32 34.19 -23.31 -6.61
CA ALA D 32 35.40 -22.79 -5.97
C ALA D 32 35.60 -23.38 -4.56
N ALA D 33 34.49 -23.53 -3.82
CA ALA D 33 34.54 -24.12 -2.47
C ALA D 33 34.87 -25.60 -2.52
N GLU D 34 34.30 -26.29 -3.50
CA GLU D 34 34.64 -27.71 -3.77
C GLU D 34 36.14 -27.88 -4.04
N GLN D 35 36.68 -27.06 -4.94
CA GLN D 35 38.13 -27.08 -5.24
C GLN D 35 39.01 -26.79 -4.01
N SER D 36 38.59 -25.82 -3.20
CA SER D 36 39.35 -25.40 -2.02
C SER D 36 39.34 -26.47 -0.94
N VAL D 37 38.21 -27.14 -0.76
CA VAL D 37 38.15 -28.23 0.19
C VAL D 37 39.20 -29.28 -0.18
N LEU D 38 39.16 -29.70 -1.44
CA LEU D 38 40.06 -30.75 -1.93
C LEU D 38 41.52 -30.31 -1.91
N GLY D 39 41.77 -29.06 -2.33
CA GLY D 39 43.10 -28.44 -2.24
C GLY D 39 43.67 -28.49 -0.85
N GLY D 40 42.91 -27.99 0.14
CA GLY D 40 43.31 -28.04 1.55
C GLY D 40 43.59 -29.45 2.07
N MET D 41 42.75 -30.41 1.69
CA MET D 41 42.91 -31.82 2.10
C MET D 41 44.21 -32.42 1.57
N LEU D 42 44.56 -32.06 0.34
CA LEU D 42 45.81 -32.49 -0.31
C LEU D 42 47.06 -31.90 0.35
N LEU D 43 46.87 -30.83 1.14
CA LEU D 43 47.96 -30.05 1.70
C LEU D 43 48.14 -30.25 3.21
N SER D 44 47.15 -30.85 3.86
CA SER D 44 47.17 -30.93 5.32
C SER D 44 46.34 -32.09 5.85
N LYS D 45 46.98 -32.98 6.61
CA LYS D 45 46.29 -34.14 7.17
C LYS D 45 45.20 -33.73 8.15
N ASP D 46 45.46 -32.65 8.89
CA ASP D 46 44.50 -32.13 9.85
C ASP D 46 43.24 -31.62 9.14
N ALA D 47 43.39 -31.10 7.92
CA ALA D 47 42.26 -30.64 7.09
C ALA D 47 41.30 -31.79 6.72
N ILE D 48 41.86 -32.95 6.41
CA ILE D 48 41.07 -34.16 6.13
C ILE D 48 40.21 -34.56 7.34
N ALA D 49 40.81 -34.51 8.54
CA ALA D 49 40.05 -34.72 9.77
C ALA D 49 38.89 -33.73 9.91
N ASP D 50 39.19 -32.44 9.68
CA ASP D 50 38.19 -31.37 9.72
C ASP D 50 37.03 -31.56 8.72
N VAL D 51 37.38 -31.92 7.49
CA VAL D 51 36.42 -32.09 6.40
C VAL D 51 35.54 -33.34 6.58
N LEU D 52 36.14 -34.42 7.08
CA LEU D 52 35.46 -35.70 7.30
C LEU D 52 34.26 -35.55 8.21
N GLU D 53 34.33 -34.61 9.14
CA GLU D 53 33.26 -34.35 10.09
C GLU D 53 32.07 -33.67 9.40
N ARG D 54 32.30 -33.08 8.22
CA ARG D 54 31.33 -32.19 7.57
C ARG D 54 30.73 -32.69 6.25
N LEU D 55 31.40 -33.63 5.58
CA LEU D 55 31.01 -34.02 4.22
C LEU D 55 30.88 -35.53 4.00
N ARG D 56 30.28 -35.87 2.86
CA ARG D 56 30.31 -37.20 2.28
C ARG D 56 30.69 -37.00 0.82
N PRO D 57 31.25 -38.04 0.16
CA PRO D 57 31.55 -37.96 -1.28
C PRO D 57 30.41 -37.38 -2.13
N GLY D 58 29.17 -37.70 -1.76
CA GLY D 58 27.97 -37.31 -2.52
C GLY D 58 27.59 -35.85 -2.40
N ASP D 59 28.17 -35.16 -1.42
CA ASP D 59 27.98 -33.72 -1.28
C ASP D 59 28.60 -32.92 -2.44
N PHE D 60 29.55 -33.53 -3.15
CA PHE D 60 30.22 -32.87 -4.27
C PHE D 60 29.34 -32.90 -5.51
N TYR D 61 29.21 -31.75 -6.18
CA TYR D 61 28.39 -31.69 -7.38
C TYR D 61 29.07 -32.41 -8.55
N ARG D 62 30.36 -32.15 -8.75
CA ARG D 62 31.06 -32.72 -9.89
C ARG D 62 31.53 -34.13 -9.54
N PRO D 63 31.22 -35.12 -10.42
CA PRO D 63 31.69 -36.50 -10.27
C PRO D 63 33.19 -36.55 -10.04
N ALA D 64 33.96 -35.78 -10.82
CA ALA D 64 35.42 -35.65 -10.68
C ALA D 64 35.85 -35.32 -9.25
N HIS D 65 35.12 -34.41 -8.60
CA HIS D 65 35.41 -34.07 -7.22
C HIS D 65 35.11 -35.20 -6.24
N GLN D 66 34.01 -35.92 -6.47
CA GLN D 66 33.67 -37.10 -5.66
C GLN D 66 34.77 -38.16 -5.75
N ASN D 67 35.32 -38.35 -6.95
CA ASN D 67 36.40 -39.35 -7.18
C ASN D 67 37.68 -39.00 -6.42
N VAL D 68 38.11 -37.75 -6.53
CA VAL D 68 39.28 -37.24 -5.78
C VAL D 68 39.07 -37.42 -4.27
N TYR D 69 37.92 -36.94 -3.77
CA TYR D 69 37.57 -37.05 -2.36
C TYR D 69 37.66 -38.50 -1.82
N ASP D 70 37.11 -39.44 -2.60
CA ASP D 70 37.09 -40.85 -2.25
C ASP D 70 38.51 -41.42 -2.16
N ALA D 71 39.35 -41.07 -3.15
CA ALA D 71 40.76 -41.45 -3.16
C ALA D 71 41.52 -40.97 -1.91
N ILE D 72 41.38 -39.68 -1.57
CA ILE D 72 41.98 -39.12 -0.37
C ILE D 72 41.59 -39.89 0.90
N LEU D 73 40.28 -40.13 1.06
CA LEU D 73 39.73 -40.85 2.22
C LEU D 73 40.21 -42.31 2.33
N ASP D 74 40.34 -42.98 1.19
CA ASP D 74 40.85 -44.34 1.14
C ASP D 74 42.29 -44.40 1.64
N LEU D 75 43.15 -43.55 1.07
CA LEU D 75 44.53 -43.37 1.56
C LEU D 75 44.57 -43.04 3.06
N TYR D 76 43.84 -41.99 3.44
CA TYR D 76 43.77 -41.54 4.84
C TYR D 76 43.40 -42.68 5.78
N GLY D 77 42.39 -43.46 5.38
CA GLY D 77 41.87 -44.59 6.16
C GLY D 77 42.88 -45.72 6.39
N ARG D 78 43.88 -45.78 5.51
CA ARG D 78 44.99 -46.75 5.58
C ARG D 78 46.23 -46.21 6.29
N GLY D 79 46.12 -45.00 6.83
CA GLY D 79 47.26 -44.31 7.42
C GLY D 79 48.31 -43.89 6.41
N GLU D 80 47.90 -43.70 5.15
CA GLU D 80 48.82 -43.29 4.10
C GLU D 80 48.70 -41.80 3.79
N PRO D 81 49.85 -41.10 3.63
CA PRO D 81 49.82 -39.69 3.24
C PRO D 81 49.00 -39.47 1.97
N ALA D 82 48.22 -38.39 1.96
CA ALA D 82 47.38 -38.04 0.82
C ALA D 82 47.82 -36.69 0.24
N ASP D 83 48.59 -36.73 -0.84
CA ASP D 83 49.08 -35.55 -1.50
C ASP D 83 48.92 -35.67 -3.01
N ALA D 84 49.29 -34.63 -3.75
CA ALA D 84 49.10 -34.64 -5.20
C ALA D 84 49.62 -35.93 -5.83
N VAL D 85 50.83 -36.33 -5.42
CA VAL D 85 51.50 -37.51 -5.97
C VAL D 85 50.81 -38.81 -5.59
N THR D 86 50.58 -39.03 -4.29
CA THR D 86 50.02 -40.31 -3.86
C THR D 86 48.55 -40.46 -4.31
N VAL D 87 47.82 -39.32 -4.40
CA VAL D 87 46.40 -39.36 -4.80
C VAL D 87 46.22 -39.69 -6.29
N ALA D 88 47.08 -39.10 -7.14
CA ALA D 88 47.10 -39.43 -8.57
C ALA D 88 47.35 -40.94 -8.79
N ALA D 89 48.32 -41.48 -8.03
CA ALA D 89 48.60 -42.91 -8.04
C ALA D 89 47.39 -43.76 -7.62
N GLU D 90 46.72 -43.36 -6.55
CA GLU D 90 45.50 -44.05 -6.11
C GLU D 90 44.41 -44.00 -7.20
N LEU D 91 44.19 -42.79 -7.74
CA LEU D 91 43.24 -42.56 -8.86
C LEU D 91 43.59 -43.34 -10.14
N ASP D 92 44.87 -43.35 -10.50
CA ASP D 92 45.30 -44.10 -11.68
C ASP D 92 45.01 -45.60 -11.55
N ARG D 93 45.28 -46.13 -10.35
CA ARG D 93 45.08 -47.54 -10.07
C ARG D 93 43.60 -47.88 -10.01
N ARG D 94 42.77 -46.84 -9.88
CA ARG D 94 41.32 -46.97 -9.93
C ARG D 94 40.77 -46.84 -11.35
N GLY D 95 41.62 -46.39 -12.26
CA GLY D 95 41.23 -46.12 -13.64
C GLY D 95 40.55 -44.78 -13.81
N LEU D 96 40.71 -43.90 -12.83
CA LEU D 96 39.99 -42.61 -12.79
C LEU D 96 40.86 -41.38 -12.98
N LEU D 97 42.18 -41.53 -13.09
CA LEU D 97 43.03 -40.34 -13.20
C LEU D 97 42.69 -39.45 -14.38
N ARG D 98 42.56 -40.07 -15.55
CA ARG D 98 42.20 -39.36 -16.78
C ARG D 98 40.82 -38.70 -16.70
N ARG D 99 39.89 -39.41 -16.07
CA ARG D 99 38.51 -38.95 -15.95
C ARG D 99 38.39 -37.65 -15.15
N ILE D 100 39.21 -37.50 -14.12
CA ILE D 100 39.15 -36.35 -13.22
C ILE D 100 40.01 -35.16 -13.69
N GLY D 101 40.60 -35.30 -14.88
CA GLY D 101 41.46 -34.25 -15.43
C GLY D 101 42.95 -34.44 -15.20
N GLY D 102 43.34 -35.67 -14.82
CA GLY D 102 44.77 -36.00 -14.65
C GLY D 102 45.46 -35.31 -13.48
N ALA D 103 46.78 -35.47 -13.41
CA ALA D 103 47.61 -34.78 -12.41
C ALA D 103 47.64 -33.25 -12.54
N PRO D 104 47.48 -32.70 -13.77
CA PRO D 104 47.29 -31.24 -13.89
C PRO D 104 46.11 -30.65 -13.10
N TYR D 105 44.96 -31.34 -13.10
CA TYR D 105 43.81 -30.83 -12.35
C TYR D 105 44.04 -30.91 -10.85
N LEU D 106 44.77 -31.93 -10.40
CA LEU D 106 45.15 -32.01 -8.99
C LEU D 106 45.95 -30.78 -8.60
N HIS D 107 46.76 -30.27 -9.53
CA HIS D 107 47.50 -29.01 -9.34
C HIS D 107 46.60 -27.77 -9.29
N THR D 108 45.56 -27.74 -10.14
CA THR D 108 44.53 -26.70 -10.08
C THR D 108 43.91 -26.61 -8.67
N LEU D 109 43.57 -27.78 -8.11
CA LEU D 109 42.96 -27.85 -6.77
C LEU D 109 43.85 -27.24 -5.71
N ILE D 110 45.11 -27.67 -5.69
CA ILE D 110 46.09 -27.17 -4.71
C ILE D 110 46.36 -25.67 -4.85
N SER D 111 46.41 -25.16 -6.09
CA SER D 111 46.61 -23.72 -6.27
C SER D 111 45.34 -22.88 -5.95
N THR D 112 44.16 -23.51 -5.97
CA THR D 112 42.90 -22.80 -5.71
C THR D 112 42.71 -22.47 -4.22
N VAL D 113 42.89 -23.45 -3.34
CA VAL D 113 42.64 -23.24 -1.91
C VAL D 113 43.34 -21.95 -1.39
N PRO D 114 42.56 -20.99 -0.87
CA PRO D 114 43.24 -19.81 -0.32
C PRO D 114 44.18 -20.13 0.85
N THR D 115 43.68 -20.91 1.83
CA THR D 115 44.48 -21.38 2.97
C THR D 115 43.99 -22.75 3.45
N ALA D 116 44.90 -23.73 3.44
CA ALA D 116 44.55 -25.12 3.69
C ALA D 116 43.90 -25.34 5.05
N ALA D 117 44.35 -24.60 6.06
CA ALA D 117 43.81 -24.72 7.41
C ALA D 117 42.34 -24.30 7.51
N ASN D 118 41.85 -23.61 6.48
CA ASN D 118 40.43 -23.21 6.42
C ASN D 118 39.51 -24.22 5.70
N ALA D 119 40.03 -25.41 5.41
CA ALA D 119 39.28 -26.51 4.78
C ALA D 119 37.90 -26.76 5.38
N GLY D 120 37.82 -26.80 6.72
CA GLY D 120 36.55 -26.95 7.43
C GLY D 120 35.49 -25.93 7.02
N TYR D 121 35.90 -24.66 6.90
CA TYR D 121 35.01 -23.59 6.45
C TYR D 121 34.55 -23.76 5.00
N TYR D 122 35.46 -24.15 4.11
CA TYR D 122 35.04 -24.41 2.75
C TYR D 122 34.10 -25.63 2.68
N ALA D 123 34.35 -26.63 3.54
CA ALA D 123 33.47 -27.83 3.61
C ALA D 123 32.05 -27.50 4.03
N SER D 124 31.89 -26.52 4.92
CA SER D 124 30.55 -26.12 5.39
C SER D 124 29.75 -25.49 4.25
N ILE D 125 30.45 -24.76 3.37
CA ILE D 125 29.85 -24.17 2.16
C ILE D 125 29.34 -25.27 1.22
N VAL D 126 30.21 -26.24 0.90
CA VAL D 126 29.83 -27.43 0.12
C VAL D 126 28.68 -28.22 0.77
N ALA D 127 28.75 -28.44 2.08
CA ALA D 127 27.69 -29.14 2.83
C ALA D 127 26.35 -28.40 2.71
N GLU D 128 26.39 -27.08 2.90
CA GLU D 128 25.20 -26.25 2.83
C GLU D 128 24.59 -26.25 1.44
N LYS D 129 25.43 -26.12 0.42
CA LYS D 129 24.97 -26.18 -0.98
C LYS D 129 24.39 -27.56 -1.37
N ALA D 130 24.92 -28.62 -0.78
CA ALA D 130 24.45 -29.97 -1.06
C ALA D 130 23.06 -30.16 -0.43
N LEU D 131 22.88 -29.59 0.76
CA LEU D 131 21.58 -29.61 1.45
C LEU D 131 20.52 -28.92 0.57
N LEU D 132 20.85 -27.73 0.07
CA LEU D 132 19.93 -26.95 -0.81
C LEU D 132 19.59 -27.69 -2.11
N ARG D 133 20.60 -28.31 -2.70
CA ARG D 133 20.45 -29.13 -3.89
C ARG D 133 19.58 -30.38 -3.65
N ARG D 134 19.76 -31.02 -2.50
CA ARG D 134 18.87 -32.11 -2.08
C ARG D 134 17.41 -31.67 -1.92
N LEU D 135 17.18 -30.43 -1.47
CA LEU D 135 15.81 -29.87 -1.43
C LEU D 135 15.23 -29.73 -2.82
N VAL D 136 15.99 -29.14 -3.73
CA VAL D 136 15.59 -29.02 -5.12
C VAL D 136 15.24 -30.38 -5.73
N GLU D 137 16.16 -31.34 -5.64
CA GLU D 137 15.91 -32.69 -6.13
C GLU D 137 14.68 -33.35 -5.45
N ALA D 138 14.53 -33.18 -4.13
CA ALA D 138 13.38 -33.74 -3.41
C ALA D 138 12.05 -33.10 -3.79
N GLY D 139 12.03 -31.78 -3.90
CA GLY D 139 10.84 -31.02 -4.31
C GLY D 139 10.43 -31.43 -5.72
N THR D 140 11.43 -31.65 -6.57
CA THR D 140 11.20 -32.04 -7.95
C THR D 140 10.59 -33.43 -8.03
N ARG D 141 11.09 -34.36 -7.23
CA ARG D 141 10.53 -35.71 -7.17
C ARG D 141 9.06 -35.67 -6.69
N VAL D 142 8.79 -34.84 -5.67
CA VAL D 142 7.47 -34.69 -5.07
C VAL D 142 6.45 -34.21 -6.11
N VAL D 143 6.83 -33.20 -6.90
CA VAL D 143 6.05 -32.72 -8.04
C VAL D 143 5.73 -33.88 -9.00
N GLN D 144 6.73 -34.71 -9.28
CA GLN D 144 6.53 -35.88 -10.12
C GLN D 144 5.61 -36.92 -9.48
N TYR D 145 5.66 -37.09 -8.17
CA TYR D 145 4.75 -38.04 -7.50
C TYR D 145 3.30 -37.54 -7.60
N GLY D 146 3.13 -36.22 -7.63
CA GLY D 146 1.82 -35.62 -7.80
C GLY D 146 1.23 -35.96 -9.15
N TYR D 147 2.06 -35.88 -10.19
CA TYR D 147 1.62 -36.14 -11.55
C TYR D 147 1.49 -37.63 -11.89
N ALA D 148 2.27 -38.48 -11.24
CA ALA D 148 2.08 -39.92 -11.35
C ALA D 148 0.70 -40.31 -10.80
N GLY D 149 -0.20 -40.74 -11.69
CA GLY D 149 -1.58 -41.08 -11.33
C GLY D 149 -2.33 -41.86 -12.39
N ALA D 156 -2.33 -42.11 -1.37
CA ALA D 156 -1.81 -42.58 -0.09
C ALA D 156 -0.38 -43.13 -0.22
N GLU D 157 -0.13 -43.86 -1.30
CA GLU D 157 1.22 -44.35 -1.61
C GLU D 157 2.15 -43.21 -2.01
N VAL D 158 1.64 -42.28 -2.82
CA VAL D 158 2.41 -41.15 -3.29
C VAL D 158 2.71 -40.19 -2.14
N VAL D 159 1.74 -39.98 -1.25
CA VAL D 159 1.89 -39.04 -0.12
C VAL D 159 2.98 -39.51 0.87
N ASP D 160 3.02 -40.81 1.11
CA ASP D 160 4.04 -41.42 1.96
C ASP D 160 5.43 -41.27 1.34
N ARG D 161 5.56 -41.57 0.05
CA ARG D 161 6.81 -41.41 -0.69
C ARG D 161 7.31 -39.96 -0.71
N ALA D 162 6.36 -39.03 -0.82
CA ALA D 162 6.67 -37.61 -0.88
C ALA D 162 7.15 -37.08 0.46
N GLN D 163 6.51 -37.53 1.53
CA GLN D 163 6.97 -37.26 2.90
C GLN D 163 8.40 -37.76 3.13
N ALA D 164 8.64 -39.02 2.79
CA ALA D 164 9.94 -39.66 2.95
C ALA D 164 11.04 -38.88 2.24
N GLU D 165 10.73 -38.40 1.03
CA GLU D 165 11.64 -37.56 0.26
C GLU D 165 12.06 -36.29 0.99
N ILE D 166 11.12 -35.57 1.58
CA ILE D 166 11.44 -34.30 2.25
C ILE D 166 12.04 -34.47 3.65
N TYR D 167 11.58 -35.48 4.38
CA TYR D 167 12.07 -35.68 5.74
C TYR D 167 13.44 -36.36 5.77
N ASP D 168 13.88 -36.91 4.63
CA ASP D 168 15.21 -37.49 4.56
C ASP D 168 16.21 -36.65 3.76
N VAL D 169 15.97 -35.34 3.69
CA VAL D 169 16.86 -34.40 2.98
C VAL D 169 18.16 -34.16 3.76
N GLN E 26 -1.09 -29.79 -16.98
CA GLN E 26 -2.21 -29.13 -16.23
C GLN E 26 -2.31 -29.73 -14.83
N PRO E 27 -2.56 -28.89 -13.80
CA PRO E 27 -2.61 -29.34 -12.42
C PRO E 27 -3.61 -30.48 -12.22
N PRO E 28 -3.34 -31.41 -11.28
CA PRO E 28 -4.29 -32.47 -10.93
C PRO E 28 -5.68 -31.89 -10.69
N GLN E 29 -6.66 -32.45 -11.38
CA GLN E 29 -8.03 -31.93 -11.40
C GLN E 29 -8.95 -32.94 -12.05
N ASP E 30 -10.25 -32.80 -11.81
CA ASP E 30 -11.24 -33.55 -12.58
C ASP E 30 -12.52 -32.72 -12.64
N LEU E 31 -12.66 -31.96 -13.73
CA LEU E 31 -13.75 -30.98 -13.89
C LEU E 31 -15.12 -31.63 -13.92
N ALA E 32 -15.20 -32.78 -14.57
CA ALA E 32 -16.44 -33.51 -14.70
C ALA E 32 -16.94 -33.92 -13.33
N ALA E 33 -16.03 -34.43 -12.48
CA ALA E 33 -16.40 -34.85 -11.14
C ALA E 33 -16.82 -33.66 -10.27
N GLU E 34 -16.16 -32.51 -10.44
CA GLU E 34 -16.59 -31.30 -9.72
C GLU E 34 -18.04 -30.94 -10.08
N GLN E 35 -18.38 -30.98 -11.39
CA GLN E 35 -19.72 -30.65 -11.87
C GLN E 35 -20.75 -31.63 -11.27
N SER E 36 -20.41 -32.92 -11.28
CA SER E 36 -21.28 -33.98 -10.81
C SER E 36 -21.54 -33.89 -9.30
N VAL E 37 -20.51 -33.52 -8.53
CA VAL E 37 -20.64 -33.29 -7.08
C VAL E 37 -21.65 -32.17 -6.82
N LEU E 38 -21.43 -31.03 -7.47
CA LEU E 38 -22.29 -29.87 -7.31
C LEU E 38 -23.74 -30.13 -7.77
N GLY E 39 -23.89 -30.85 -8.89
CA GLY E 39 -25.22 -31.25 -9.39
C GLY E 39 -25.96 -32.15 -8.39
N GLY E 40 -25.25 -33.14 -7.86
CA GLY E 40 -25.78 -34.01 -6.80
C GLY E 40 -26.26 -33.26 -5.58
N MET E 41 -25.45 -32.33 -5.10
CA MET E 41 -25.79 -31.49 -3.94
C MET E 41 -27.00 -30.59 -4.24
N LEU E 42 -27.13 -30.10 -5.46
CA LEU E 42 -28.29 -29.27 -5.82
C LEU E 42 -29.60 -30.09 -5.88
N LEU E 43 -29.46 -31.40 -6.03
CA LEU E 43 -30.57 -32.35 -6.11
C LEU E 43 -30.99 -32.96 -4.78
N SER E 44 -30.08 -33.06 -3.82
CA SER E 44 -30.38 -33.79 -2.58
C SER E 44 -29.68 -33.24 -1.34
N LYS E 45 -30.48 -32.86 -0.33
CA LYS E 45 -29.96 -32.43 0.97
C LYS E 45 -29.09 -33.52 1.58
N ASP E 46 -29.55 -34.76 1.46
CA ASP E 46 -28.78 -35.91 1.94
C ASP E 46 -27.37 -35.99 1.35
N ALA E 47 -27.21 -35.59 0.08
CA ALA E 47 -25.90 -35.67 -0.60
C ALA E 47 -24.91 -34.59 -0.10
N ILE E 48 -25.43 -33.48 0.41
CA ILE E 48 -24.57 -32.45 1.02
C ILE E 48 -23.76 -33.05 2.16
N ALA E 49 -24.43 -33.82 3.03
CA ALA E 49 -23.75 -34.55 4.12
C ALA E 49 -22.68 -35.52 3.64
N ASP E 50 -23.00 -36.34 2.64
CA ASP E 50 -22.02 -37.22 1.98
C ASP E 50 -20.78 -36.52 1.42
N VAL E 51 -21.00 -35.34 0.87
CA VAL E 51 -19.90 -34.61 0.21
C VAL E 51 -19.00 -33.96 1.26
N LEU E 52 -19.60 -33.25 2.21
CA LEU E 52 -18.82 -32.48 3.20
C LEU E 52 -18.04 -33.43 4.12
N GLU E 53 -18.48 -34.68 4.12
CA GLU E 53 -17.76 -35.79 4.71
C GLU E 53 -16.38 -35.95 4.06
N ARG E 54 -16.27 -35.64 2.76
CA ARG E 54 -15.04 -35.87 1.98
C ARG E 54 -14.27 -34.62 1.52
N LEU E 55 -14.90 -33.45 1.51
CA LEU E 55 -14.27 -32.23 0.99
C LEU E 55 -14.02 -31.11 2.03
N ARG E 56 -12.96 -30.36 1.80
CA ARG E 56 -12.54 -29.24 2.65
C ARG E 56 -12.56 -27.96 1.84
N PRO E 57 -12.50 -26.79 2.50
CA PRO E 57 -12.32 -25.54 1.75
C PRO E 57 -11.12 -25.59 0.81
N GLY E 58 -11.29 -25.09 -0.41
CA GLY E 58 -10.21 -25.04 -1.38
C GLY E 58 -10.04 -26.27 -2.25
N ASP E 59 -10.82 -27.32 -2.02
CA ASP E 59 -10.65 -28.58 -2.78
C ASP E 59 -11.01 -28.49 -4.28
N PHE E 60 -11.83 -27.51 -4.64
CA PHE E 60 -12.24 -27.38 -6.03
C PHE E 60 -11.14 -26.65 -6.79
N TYR E 61 -10.84 -27.14 -7.98
CA TYR E 61 -9.85 -26.52 -8.87
C TYR E 61 -10.40 -25.21 -9.45
N ARG E 62 -11.62 -25.24 -9.98
CA ARG E 62 -12.20 -24.04 -10.58
C ARG E 62 -12.82 -23.15 -9.51
N PRO E 63 -12.43 -21.87 -9.45
CA PRO E 63 -12.97 -20.92 -8.48
C PRO E 63 -14.52 -20.84 -8.49
N ALA E 64 -15.14 -20.83 -9.67
CA ALA E 64 -16.60 -20.80 -9.76
C ALA E 64 -17.26 -21.95 -9.00
N HIS E 65 -16.65 -23.12 -9.08
CA HIS E 65 -17.14 -24.30 -8.39
C HIS E 65 -16.99 -24.15 -6.89
N GLN E 66 -15.88 -23.54 -6.43
CA GLN E 66 -15.70 -23.29 -5.00
C GLN E 66 -16.79 -22.34 -4.51
N ASN E 67 -17.15 -21.35 -5.34
CA ASN E 67 -18.21 -20.41 -5.01
C ASN E 67 -19.58 -21.10 -4.85
N VAL E 68 -19.88 -21.98 -5.81
CA VAL E 68 -21.14 -22.70 -5.80
C VAL E 68 -21.24 -23.54 -4.55
N TYR E 69 -20.18 -24.30 -4.27
CA TYR E 69 -20.08 -25.13 -3.09
C TYR E 69 -20.28 -24.32 -1.79
N ASP E 70 -19.57 -23.19 -1.66
CA ASP E 70 -19.70 -22.33 -0.47
C ASP E 70 -21.12 -21.81 -0.31
N ALA E 71 -21.77 -21.46 -1.41
CA ALA E 71 -23.15 -20.99 -1.36
C ALA E 71 -24.11 -22.07 -0.84
N ILE E 72 -23.92 -23.30 -1.31
CA ILE E 72 -24.75 -24.45 -0.88
C ILE E 72 -24.63 -24.75 0.62
N LEU E 73 -23.39 -24.87 1.10
CA LEU E 73 -23.14 -25.00 2.54
C LEU E 73 -23.68 -23.80 3.36
N ASP E 74 -23.59 -22.59 2.83
CA ASP E 74 -24.14 -21.42 3.52
C ASP E 74 -25.64 -21.59 3.80
N LEU E 75 -26.40 -21.92 2.75
CA LEU E 75 -27.82 -22.14 2.86
C LEU E 75 -28.10 -23.35 3.75
N TYR E 76 -27.28 -24.38 3.58
CA TYR E 76 -27.36 -25.62 4.35
C TYR E 76 -27.23 -25.36 5.85
N GLY E 77 -26.24 -24.54 6.21
CA GLY E 77 -25.93 -24.22 7.60
C GLY E 77 -27.02 -23.47 8.35
N ARG E 78 -27.81 -22.69 7.63
CA ARG E 78 -28.99 -22.11 8.26
C ARG E 78 -30.29 -22.84 7.92
N GLY E 79 -30.17 -24.13 7.62
CA GLY E 79 -31.31 -25.00 7.35
C GLY E 79 -32.25 -24.58 6.22
N GLU E 80 -31.73 -23.83 5.23
CA GLU E 80 -32.52 -23.46 4.05
C GLU E 80 -32.30 -24.47 2.91
N PRO E 81 -33.33 -24.74 2.07
CA PRO E 81 -33.13 -25.63 0.93
C PRO E 81 -32.15 -25.03 -0.10
N ALA E 82 -31.32 -25.90 -0.69
CA ALA E 82 -30.30 -25.49 -1.64
C ALA E 82 -30.60 -26.07 -3.01
N ASP E 83 -31.28 -25.29 -3.82
CA ASP E 83 -31.65 -25.68 -5.18
C ASP E 83 -31.22 -24.60 -6.17
N ALA E 84 -31.51 -24.77 -7.44
CA ALA E 84 -31.08 -23.80 -8.43
C ALA E 84 -31.56 -22.36 -8.16
N VAL E 85 -32.76 -22.21 -7.58
CA VAL E 85 -33.27 -20.87 -7.29
C VAL E 85 -32.62 -20.19 -6.06
N THR E 86 -32.54 -20.92 -4.93
CA THR E 86 -31.99 -20.34 -3.72
C THR E 86 -30.49 -20.12 -3.84
N VAL E 87 -29.77 -21.11 -4.38
CA VAL E 87 -28.32 -21.01 -4.55
C VAL E 87 -27.96 -19.83 -5.45
N ALA E 88 -28.72 -19.62 -6.52
CA ALA E 88 -28.48 -18.47 -7.39
C ALA E 88 -28.66 -17.15 -6.63
N ALA E 89 -29.73 -17.03 -5.85
CA ALA E 89 -30.01 -15.84 -5.04
C ALA E 89 -28.88 -15.60 -4.03
N GLU E 90 -28.42 -16.67 -3.38
CA GLU E 90 -27.30 -16.57 -2.44
C GLU E 90 -26.01 -16.03 -3.11
N LEU E 91 -25.70 -16.56 -4.30
CA LEU E 91 -24.52 -16.16 -5.05
C LEU E 91 -24.65 -14.72 -5.52
N ASP E 92 -25.88 -14.31 -5.85
CA ASP E 92 -26.17 -12.94 -6.30
C ASP E 92 -25.94 -11.93 -5.19
N ARG E 93 -26.38 -12.28 -3.97
CA ARG E 93 -26.14 -11.50 -2.76
C ARG E 93 -24.65 -11.25 -2.58
N ARG E 94 -23.85 -12.26 -2.90
CA ARG E 94 -22.39 -12.23 -2.74
C ARG E 94 -21.66 -11.54 -3.91
N GLY E 95 -22.39 -11.15 -4.95
CA GLY E 95 -21.78 -10.61 -6.16
C GLY E 95 -21.06 -11.64 -7.02
N LEU E 96 -21.43 -12.91 -6.88
CA LEU E 96 -20.71 -14.01 -7.53
C LEU E 96 -21.47 -14.76 -8.65
N LEU E 97 -22.70 -14.35 -8.94
CA LEU E 97 -23.56 -15.08 -9.87
C LEU E 97 -23.18 -14.86 -11.33
N ARG E 98 -22.92 -13.60 -11.71
CA ARG E 98 -22.41 -13.32 -13.05
C ARG E 98 -21.11 -14.09 -13.32
N ARG E 99 -20.33 -14.33 -12.25
CA ARG E 99 -19.05 -15.05 -12.32
C ARG E 99 -19.15 -16.55 -12.69
N ILE E 100 -20.18 -17.24 -12.21
CA ILE E 100 -20.37 -18.64 -12.53
C ILE E 100 -21.04 -18.81 -13.90
N GLY E 101 -21.57 -17.72 -14.44
CA GLY E 101 -22.31 -17.76 -15.70
C GLY E 101 -23.82 -17.59 -15.53
N GLY E 102 -24.24 -17.22 -14.33
CA GLY E 102 -25.65 -16.99 -14.04
C GLY E 102 -26.39 -18.25 -13.62
N ALA E 103 -27.70 -18.10 -13.41
CA ALA E 103 -28.57 -19.19 -13.01
C ALA E 103 -28.62 -20.36 -14.00
N PRO E 104 -28.56 -20.09 -15.32
CA PRO E 104 -28.47 -21.22 -16.25
C PRO E 104 -27.32 -22.20 -15.99
N TYR E 105 -26.16 -21.76 -15.49
CA TYR E 105 -25.08 -22.72 -15.16
C TYR E 105 -25.49 -23.73 -14.08
N LEU E 106 -26.22 -23.27 -13.08
CA LEU E 106 -26.72 -24.17 -12.04
C LEU E 106 -27.61 -25.27 -12.64
N HIS E 107 -28.38 -24.89 -13.66
CA HIS E 107 -29.17 -25.85 -14.40
C HIS E 107 -28.31 -26.81 -15.23
N THR E 108 -27.20 -26.31 -15.78
CA THR E 108 -26.24 -27.19 -16.45
C THR E 108 -25.59 -28.21 -15.52
N LEU E 109 -25.34 -27.81 -14.26
CA LEU E 109 -24.70 -28.67 -13.26
C LEU E 109 -25.60 -29.82 -12.89
N ILE E 110 -26.86 -29.51 -12.62
CA ILE E 110 -27.88 -30.52 -12.37
C ILE E 110 -27.97 -31.57 -13.49
N SER E 111 -27.92 -31.11 -14.76
CA SER E 111 -28.11 -31.97 -15.96
C SER E 111 -26.94 -32.92 -16.21
N THR E 112 -25.92 -32.78 -15.40
CA THR E 112 -24.67 -33.50 -15.50
C THR E 112 -24.82 -34.89 -14.80
N VAL E 113 -25.82 -35.01 -13.93
CA VAL E 113 -26.11 -36.27 -13.25
C VAL E 113 -27.62 -36.61 -13.27
N PRO E 114 -27.97 -37.90 -13.32
CA PRO E 114 -29.38 -38.31 -13.28
C PRO E 114 -29.98 -38.00 -11.92
N THR E 115 -29.33 -38.52 -10.88
CA THR E 115 -29.73 -38.34 -9.48
C THR E 115 -28.48 -38.05 -8.67
N ALA E 116 -28.66 -37.80 -7.37
CA ALA E 116 -27.55 -37.51 -6.47
C ALA E 116 -26.96 -38.76 -5.78
N ALA E 117 -27.17 -39.95 -6.37
CA ALA E 117 -26.70 -41.20 -5.75
C ALA E 117 -25.17 -41.30 -5.63
N ASN E 118 -24.45 -40.84 -6.65
CA ASN E 118 -23.02 -41.02 -6.65
C ASN E 118 -22.23 -39.82 -6.10
N ALA E 119 -22.90 -38.94 -5.36
CA ALA E 119 -22.31 -37.66 -4.95
C ALA E 119 -21.05 -37.86 -4.09
N GLY E 120 -21.10 -38.81 -3.17
CA GLY E 120 -19.93 -39.18 -2.39
C GLY E 120 -18.79 -39.72 -3.23
N TYR E 121 -19.12 -40.55 -4.23
CA TYR E 121 -18.11 -41.11 -5.13
C TYR E 121 -17.38 -40.00 -5.91
N TYR E 122 -18.14 -39.06 -6.46
CA TYR E 122 -17.53 -37.94 -7.17
C TYR E 122 -16.74 -37.01 -6.25
N ALA E 123 -17.18 -36.89 -5.00
CA ALA E 123 -16.47 -36.05 -4.03
C ALA E 123 -15.13 -36.67 -3.67
N SER E 124 -15.09 -37.99 -3.60
CA SER E 124 -13.84 -38.70 -3.32
C SER E 124 -12.80 -38.48 -4.42
N ILE E 125 -13.25 -38.43 -5.68
CA ILE E 125 -12.36 -38.11 -6.81
C ILE E 125 -11.84 -36.67 -6.69
N VAL E 126 -12.74 -35.76 -6.33
CA VAL E 126 -12.37 -34.35 -6.22
C VAL E 126 -11.35 -34.17 -5.08
N ALA E 127 -11.57 -34.86 -3.96
CA ALA E 127 -10.68 -34.88 -2.79
C ALA E 127 -9.28 -35.38 -3.12
N GLU E 128 -9.23 -36.52 -3.79
CA GLU E 128 -8.00 -37.12 -4.27
C GLU E 128 -7.19 -36.16 -5.14
N LYS E 129 -7.83 -35.60 -6.17
CA LYS E 129 -7.14 -34.68 -7.07
C LYS E 129 -6.65 -33.43 -6.33
N ALA E 130 -7.43 -32.98 -5.33
CA ALA E 130 -7.04 -31.85 -4.50
C ALA E 130 -5.80 -32.17 -3.65
N LEU E 131 -5.70 -33.41 -3.18
CA LEU E 131 -4.52 -33.90 -2.45
C LEU E 131 -3.27 -33.87 -3.34
N LEU E 132 -3.34 -34.54 -4.50
CA LEU E 132 -2.28 -34.57 -5.51
C LEU E 132 -1.87 -33.18 -6.06
N ARG E 133 -2.84 -32.26 -6.14
CA ARG E 133 -2.57 -30.89 -6.55
C ARG E 133 -1.83 -30.11 -5.46
N ARG E 134 -2.23 -30.31 -4.20
CA ARG E 134 -1.54 -29.68 -3.08
C ARG E 134 -0.11 -30.23 -2.95
N LEU E 135 0.05 -31.50 -3.30
CA LEU E 135 1.36 -32.15 -3.32
C LEU E 135 2.24 -31.48 -4.38
N VAL E 136 1.68 -31.24 -5.56
CA VAL E 136 2.39 -30.54 -6.64
C VAL E 136 2.79 -29.13 -6.20
N GLU E 137 1.85 -28.38 -5.65
CA GLU E 137 2.13 -27.02 -5.16
C GLU E 137 3.16 -26.99 -4.03
N ALA E 138 3.04 -27.92 -3.08
CA ALA E 138 3.99 -28.03 -1.98
C ALA E 138 5.42 -28.30 -2.50
N GLY E 139 5.55 -29.27 -3.40
CA GLY E 139 6.78 -29.61 -4.11
C GLY E 139 7.46 -28.46 -4.84
N THR E 140 6.71 -27.71 -5.65
CA THR E 140 7.29 -26.56 -6.35
C THR E 140 7.70 -25.45 -5.37
N ARG E 141 7.00 -25.32 -4.25
CA ARG E 141 7.44 -24.37 -3.22
C ARG E 141 8.78 -24.82 -2.60
N VAL E 142 8.94 -26.12 -2.38
CA VAL E 142 10.20 -26.72 -1.89
C VAL E 142 11.38 -26.43 -2.85
N VAL E 143 11.16 -26.67 -4.14
CA VAL E 143 12.12 -26.33 -5.20
C VAL E 143 12.53 -24.85 -5.07
N GLN E 144 11.55 -23.97 -4.88
CA GLN E 144 11.79 -22.54 -4.68
C GLN E 144 12.55 -22.22 -3.39
N TYR E 145 12.35 -23.01 -2.34
CA TYR E 145 13.12 -22.83 -1.10
C TYR E 145 14.59 -23.20 -1.30
N GLY E 146 14.83 -24.24 -2.09
CA GLY E 146 16.17 -24.74 -2.37
C GLY E 146 16.97 -23.79 -3.22
N TYR E 147 16.33 -23.15 -4.19
CA TYR E 147 16.99 -22.13 -5.00
C TYR E 147 17.17 -20.80 -4.26
N ALA E 148 16.24 -20.49 -3.36
CA ALA E 148 16.28 -19.24 -2.61
C ALA E 148 17.37 -19.19 -1.54
N GLY E 149 17.66 -20.35 -0.92
CA GLY E 149 18.76 -20.48 0.06
C GLY E 149 18.62 -19.67 1.34
N ALA E 150 19.75 -19.49 2.03
CA ALA E 150 19.88 -18.55 3.16
C ALA E 150 19.02 -18.86 4.37
N VAL E 155 20.20 -22.33 6.89
CA VAL E 155 19.93 -23.57 6.18
C VAL E 155 18.91 -24.42 6.91
N ALA E 156 19.11 -24.57 8.23
CA ALA E 156 18.24 -25.37 9.10
C ALA E 156 16.79 -24.87 9.12
N GLU E 157 16.62 -23.55 9.12
CA GLU E 157 15.29 -22.94 9.02
C GLU E 157 14.67 -23.15 7.65
N VAL E 158 15.49 -23.19 6.60
CA VAL E 158 15.02 -23.38 5.23
C VAL E 158 14.48 -24.80 5.04
N VAL E 159 15.20 -25.78 5.60
CA VAL E 159 14.79 -27.19 5.62
C VAL E 159 13.48 -27.38 6.39
N ASP E 160 13.37 -26.72 7.55
CA ASP E 160 12.13 -26.78 8.36
C ASP E 160 10.93 -26.19 7.63
N ARG E 161 11.15 -25.14 6.85
CA ARG E 161 10.09 -24.52 6.03
C ARG E 161 9.56 -25.46 4.97
N ALA E 162 10.47 -26.11 4.24
CA ALA E 162 10.13 -27.12 3.24
C ALA E 162 9.36 -28.30 3.85
N GLN E 163 9.68 -28.64 5.10
CA GLN E 163 9.03 -29.76 5.78
C GLN E 163 7.62 -29.41 6.28
N ALA E 164 7.46 -28.19 6.78
CA ALA E 164 6.16 -27.66 7.18
C ALA E 164 5.22 -27.66 5.97
N GLU E 165 5.80 -27.45 4.79
CA GLU E 165 5.09 -27.47 3.51
C GLU E 165 4.43 -28.82 3.21
N ILE E 166 5.20 -29.89 3.38
CA ILE E 166 4.71 -31.24 3.12
C ILE E 166 3.83 -31.78 4.26
N TYR E 167 4.11 -31.35 5.49
CA TYR E 167 3.28 -31.66 6.67
C TYR E 167 1.83 -31.24 6.40
N ASP E 168 1.67 -30.06 5.80
CA ASP E 168 0.35 -29.52 5.47
C ASP E 168 -0.42 -30.47 4.55
N VAL E 169 0.22 -30.92 3.47
CA VAL E 169 -0.41 -31.89 2.54
C VAL E 169 -0.71 -33.23 3.22
N ALA E 170 0.28 -33.78 3.91
CA ALA E 170 0.23 -35.14 4.47
C ALA E 170 -0.92 -35.41 5.45
N GLN F 26 -28.57 -2.20 -13.35
CA GLN F 26 -29.65 -3.23 -13.57
C GLN F 26 -30.68 -3.26 -12.42
N PRO F 27 -31.98 -3.20 -12.76
CA PRO F 27 -33.03 -3.21 -11.72
C PRO F 27 -33.01 -4.50 -10.92
N PRO F 28 -32.99 -4.40 -9.57
CA PRO F 28 -32.92 -5.59 -8.72
C PRO F 28 -34.17 -6.44 -8.87
N GLN F 29 -33.99 -7.71 -9.23
CA GLN F 29 -35.09 -8.61 -9.55
C GLN F 29 -34.53 -10.02 -9.61
N ASP F 30 -35.40 -11.02 -9.57
CA ASP F 30 -34.95 -12.41 -9.72
C ASP F 30 -36.04 -13.14 -10.50
N LEU F 31 -35.82 -13.30 -11.80
CA LEU F 31 -36.81 -13.89 -12.71
C LEU F 31 -37.23 -15.29 -12.26
N ALA F 32 -36.24 -16.17 -12.07
CA ALA F 32 -36.54 -17.55 -11.65
C ALA F 32 -37.25 -17.60 -10.31
N ALA F 33 -36.84 -16.75 -9.34
CA ALA F 33 -37.56 -16.74 -8.08
C ALA F 33 -39.02 -16.32 -8.29
N GLU F 34 -39.29 -15.31 -9.12
CA GLU F 34 -40.66 -14.91 -9.40
C GLU F 34 -41.50 -16.02 -10.05
N GLN F 35 -40.89 -16.69 -11.03
CA GLN F 35 -41.57 -17.77 -11.76
C GLN F 35 -41.86 -18.92 -10.80
N SER F 36 -40.92 -19.16 -9.88
CA SER F 36 -40.99 -20.25 -8.92
C SER F 36 -42.01 -20.01 -7.82
N VAL F 37 -42.12 -18.78 -7.32
CA VAL F 37 -43.24 -18.41 -6.43
C VAL F 37 -44.59 -18.74 -7.11
N LEU F 38 -44.76 -18.26 -8.35
CA LEU F 38 -46.01 -18.45 -9.07
C LEU F 38 -46.31 -19.94 -9.39
N GLY F 39 -45.31 -20.65 -9.91
CA GLY F 39 -45.42 -22.09 -10.17
C GLY F 39 -45.78 -22.88 -8.92
N GLY F 40 -45.12 -22.58 -7.79
CA GLY F 40 -45.40 -23.24 -6.50
C GLY F 40 -46.85 -23.00 -6.07
N MET F 41 -47.31 -21.75 -6.20
CA MET F 41 -48.71 -21.37 -5.92
C MET F 41 -49.73 -22.07 -6.81
N LEU F 42 -49.43 -22.17 -8.11
CA LEU F 42 -50.32 -22.80 -9.07
C LEU F 42 -50.45 -24.31 -8.84
N LEU F 43 -49.50 -24.88 -8.10
CA LEU F 43 -49.44 -26.31 -7.81
C LEU F 43 -49.93 -26.75 -6.42
N SER F 44 -50.11 -25.79 -5.51
CA SER F 44 -50.25 -26.11 -4.08
C SER F 44 -50.93 -24.95 -3.36
N LYS F 45 -52.09 -25.23 -2.76
CA LYS F 45 -52.87 -24.20 -2.05
C LYS F 45 -52.17 -23.79 -0.76
N ASP F 46 -51.47 -24.74 -0.15
CA ASP F 46 -50.54 -24.48 0.94
C ASP F 46 -49.43 -23.49 0.59
N ALA F 47 -48.95 -23.56 -0.64
CA ALA F 47 -47.91 -22.64 -1.07
C ALA F 47 -48.43 -21.21 -1.09
N ILE F 48 -49.70 -21.04 -1.50
CA ILE F 48 -50.36 -19.72 -1.52
C ILE F 48 -50.41 -19.08 -0.14
N ALA F 49 -50.75 -19.89 0.87
CA ALA F 49 -50.75 -19.45 2.28
C ALA F 49 -49.38 -18.98 2.75
N ASP F 50 -48.33 -19.69 2.37
CA ASP F 50 -46.95 -19.33 2.71
C ASP F 50 -46.41 -18.09 1.98
N VAL F 51 -46.95 -17.81 0.79
CA VAL F 51 -46.52 -16.66 -0.01
C VAL F 51 -47.26 -15.36 0.39
N LEU F 52 -48.56 -15.48 0.67
CA LEU F 52 -49.39 -14.35 1.07
C LEU F 52 -48.80 -13.54 2.23
N GLU F 53 -48.09 -14.24 3.11
CA GLU F 53 -47.52 -13.63 4.32
C GLU F 53 -46.41 -12.63 4.01
N ARG F 54 -45.62 -12.88 2.96
CA ARG F 54 -44.46 -12.03 2.69
C ARG F 54 -44.41 -11.26 1.37
N LEU F 55 -45.52 -11.22 0.62
CA LEU F 55 -45.55 -10.52 -0.67
C LEU F 55 -46.77 -9.63 -0.91
N ARG F 56 -46.56 -8.54 -1.65
CA ARG F 56 -47.65 -7.83 -2.30
C ARG F 56 -47.48 -7.98 -3.83
N PRO F 57 -48.58 -7.98 -4.61
CA PRO F 57 -48.46 -8.04 -6.09
C PRO F 57 -47.51 -6.98 -6.68
N GLY F 58 -47.40 -5.84 -6.01
CA GLY F 58 -46.41 -4.81 -6.32
C GLY F 58 -44.96 -5.26 -6.19
N ASP F 59 -44.71 -6.36 -5.48
CA ASP F 59 -43.35 -6.91 -5.29
C ASP F 59 -42.76 -7.56 -6.53
N PHE F 60 -43.63 -7.96 -7.46
CA PHE F 60 -43.17 -8.61 -8.67
C PHE F 60 -42.62 -7.54 -9.60
N TYR F 61 -41.49 -7.81 -10.23
CA TYR F 61 -40.91 -6.84 -11.17
C TYR F 61 -41.58 -6.93 -12.54
N ARG F 62 -41.94 -8.15 -12.95
CA ARG F 62 -42.55 -8.37 -14.25
C ARG F 62 -44.05 -8.07 -14.14
N PRO F 63 -44.55 -7.11 -14.94
CA PRO F 63 -45.99 -6.82 -14.94
C PRO F 63 -46.87 -8.04 -15.23
N ALA F 64 -46.42 -8.95 -16.09
CA ALA F 64 -47.14 -10.21 -16.30
C ALA F 64 -47.31 -11.00 -15.00
N HIS F 65 -46.25 -11.03 -14.18
CA HIS F 65 -46.27 -11.75 -12.92
C HIS F 65 -47.22 -11.16 -11.87
N GLN F 66 -47.23 -9.83 -11.73
CA GLN F 66 -48.14 -9.12 -10.83
C GLN F 66 -49.59 -9.43 -11.19
N ASN F 67 -49.87 -9.46 -12.49
CA ASN F 67 -51.19 -9.82 -13.04
C ASN F 67 -51.62 -11.24 -12.67
N VAL F 68 -50.72 -12.20 -12.90
CA VAL F 68 -50.95 -13.59 -12.54
C VAL F 68 -51.15 -13.79 -11.03
N TYR F 69 -50.29 -13.15 -10.23
CA TYR F 69 -50.37 -13.19 -8.76
C TYR F 69 -51.73 -12.67 -8.26
N ASP F 70 -52.14 -11.51 -8.78
CA ASP F 70 -53.43 -10.88 -8.42
C ASP F 70 -54.64 -11.76 -8.74
N ALA F 71 -54.53 -12.52 -9.83
CA ALA F 71 -55.57 -13.46 -10.27
C ALA F 71 -55.68 -14.64 -9.31
N ILE F 72 -54.53 -15.21 -8.93
CA ILE F 72 -54.46 -16.28 -7.93
C ILE F 72 -55.10 -15.90 -6.59
N LEU F 73 -54.78 -14.70 -6.10
CA LEU F 73 -55.26 -14.26 -4.79
C LEU F 73 -56.76 -13.94 -4.80
N ASP F 74 -57.24 -13.38 -5.91
CA ASP F 74 -58.67 -13.09 -6.05
C ASP F 74 -59.50 -14.39 -5.99
N LEU F 75 -59.02 -15.43 -6.67
CA LEU F 75 -59.64 -16.76 -6.61
C LEU F 75 -59.49 -17.39 -5.22
N TYR F 76 -58.30 -17.28 -4.64
CA TYR F 76 -58.00 -17.83 -3.31
C TYR F 76 -58.86 -17.18 -2.23
N GLY F 77 -59.13 -15.88 -2.39
CA GLY F 77 -60.03 -15.16 -1.49
C GLY F 77 -61.49 -15.54 -1.64
N ARG F 78 -61.79 -16.39 -2.64
CA ARG F 78 -63.16 -16.83 -2.90
C ARG F 78 -63.40 -18.30 -2.56
N GLY F 79 -62.31 -19.04 -2.32
CA GLY F 79 -62.38 -20.49 -2.11
C GLY F 79 -62.19 -21.27 -3.40
N GLU F 80 -62.07 -20.55 -4.51
CA GLU F 80 -61.86 -21.15 -5.83
C GLU F 80 -60.41 -21.64 -5.94
N PRO F 81 -60.22 -22.94 -6.23
CA PRO F 81 -58.90 -23.49 -6.53
C PRO F 81 -58.21 -22.72 -7.67
N ALA F 82 -56.99 -22.30 -7.41
CA ALA F 82 -56.16 -21.61 -8.40
C ALA F 82 -55.13 -22.57 -8.97
N ASP F 83 -55.43 -23.09 -10.16
CA ASP F 83 -54.49 -23.85 -10.96
C ASP F 83 -54.40 -23.19 -12.33
N ALA F 84 -53.61 -23.76 -13.24
CA ALA F 84 -53.36 -23.16 -14.57
C ALA F 84 -54.64 -22.84 -15.36
N VAL F 85 -55.62 -23.74 -15.29
CA VAL F 85 -56.89 -23.59 -16.02
C VAL F 85 -57.77 -22.45 -15.47
N THR F 86 -58.03 -22.49 -14.16
CA THR F 86 -58.87 -21.48 -13.53
C THR F 86 -58.24 -20.09 -13.58
N VAL F 87 -56.90 -20.03 -13.46
CA VAL F 87 -56.19 -18.75 -13.52
C VAL F 87 -56.26 -18.14 -14.93
N ALA F 88 -56.14 -18.99 -15.95
CA ALA F 88 -56.33 -18.57 -17.35
C ALA F 88 -57.70 -17.92 -17.58
N ALA F 89 -58.74 -18.51 -16.99
CA ALA F 89 -60.12 -18.00 -17.08
C ALA F 89 -60.31 -16.67 -16.33
N GLU F 90 -59.72 -16.56 -15.15
CA GLU F 90 -59.72 -15.31 -14.39
C GLU F 90 -58.98 -14.19 -15.13
N LEU F 91 -57.87 -14.54 -15.77
CA LEU F 91 -57.08 -13.57 -16.54
C LEU F 91 -57.78 -13.19 -17.85
N ASP F 92 -58.46 -14.17 -18.46
CA ASP F 92 -59.23 -13.90 -19.68
C ASP F 92 -60.39 -12.93 -19.39
N ARG F 93 -61.09 -13.20 -18.29
CA ARG F 93 -62.17 -12.35 -17.78
C ARG F 93 -61.71 -10.89 -17.59
N ARG F 94 -60.45 -10.71 -17.20
CA ARG F 94 -59.91 -9.37 -17.00
C ARG F 94 -59.33 -8.76 -18.28
N GLY F 95 -59.35 -9.52 -19.36
CA GLY F 95 -58.74 -9.12 -20.63
C GLY F 95 -57.21 -9.11 -20.57
N LEU F 96 -56.65 -9.99 -19.76
CA LEU F 96 -55.21 -10.01 -19.45
C LEU F 96 -54.50 -11.30 -19.88
N LEU F 97 -55.27 -12.30 -20.33
CA LEU F 97 -54.69 -13.61 -20.66
C LEU F 97 -53.60 -13.51 -21.74
N ARG F 98 -53.93 -12.85 -22.85
CA ARG F 98 -52.99 -12.67 -23.94
C ARG F 98 -51.77 -11.83 -23.52
N ARG F 99 -52.02 -10.78 -22.72
CA ARG F 99 -50.96 -9.90 -22.25
C ARG F 99 -49.90 -10.66 -21.44
N ILE F 100 -50.34 -11.61 -20.61
CA ILE F 100 -49.41 -12.34 -19.73
C ILE F 100 -48.65 -13.49 -20.41
N GLY F 101 -49.00 -13.78 -21.66
CA GLY F 101 -48.34 -14.84 -22.44
C GLY F 101 -49.21 -16.07 -22.66
N GLY F 102 -50.49 -15.95 -22.31
CA GLY F 102 -51.47 -17.03 -22.48
C GLY F 102 -51.26 -18.26 -21.63
N ALA F 103 -51.98 -19.32 -21.98
CA ALA F 103 -51.83 -20.62 -21.33
C ALA F 103 -50.40 -21.16 -21.41
N PRO F 104 -49.71 -21.01 -22.58
CA PRO F 104 -48.31 -21.46 -22.63
C PRO F 104 -47.39 -20.86 -21.55
N TYR F 105 -47.58 -19.59 -21.18
CA TYR F 105 -46.69 -19.04 -20.17
C TYR F 105 -47.00 -19.59 -18.77
N LEU F 106 -48.29 -19.70 -18.44
CA LEU F 106 -48.73 -20.36 -17.20
C LEU F 106 -48.11 -21.76 -17.08
N HIS F 107 -47.97 -22.45 -18.22
CA HIS F 107 -47.33 -23.78 -18.23
C HIS F 107 -45.83 -23.70 -17.90
N THR F 108 -45.18 -22.65 -18.37
CA THR F 108 -43.76 -22.42 -18.06
C THR F 108 -43.56 -22.24 -16.55
N LEU F 109 -44.46 -21.49 -15.93
CA LEU F 109 -44.39 -21.25 -14.48
C LEU F 109 -44.37 -22.54 -13.67
N ILE F 110 -45.30 -23.45 -13.97
CA ILE F 110 -45.40 -24.75 -13.30
C ILE F 110 -44.19 -25.66 -13.53
N SER F 111 -43.62 -25.63 -14.73
CA SER F 111 -42.41 -26.41 -15.02
C SER F 111 -41.15 -25.86 -14.31
N THR F 112 -41.17 -24.57 -13.95
CA THR F 112 -39.99 -23.88 -13.45
C THR F 112 -39.69 -24.14 -11.96
N VAL F 113 -40.73 -24.07 -11.12
CA VAL F 113 -40.53 -24.15 -9.68
C VAL F 113 -39.79 -25.46 -9.35
N PRO F 114 -38.66 -25.38 -8.63
CA PRO F 114 -37.99 -26.63 -8.25
C PRO F 114 -38.89 -27.50 -7.36
N THR F 115 -39.41 -26.88 -6.29
CA THR F 115 -40.19 -27.55 -5.27
C THR F 115 -41.30 -26.62 -4.78
N ALA F 116 -42.56 -27.04 -4.93
CA ALA F 116 -43.70 -26.22 -4.55
C ALA F 116 -43.72 -25.93 -3.05
N ALA F 117 -43.25 -26.90 -2.26
CA ALA F 117 -43.20 -26.77 -0.80
C ALA F 117 -42.30 -25.60 -0.35
N ASN F 118 -41.42 -25.16 -1.24
CA ASN F 118 -40.42 -24.14 -0.90
C ASN F 118 -40.81 -22.73 -1.31
N ALA F 119 -42.08 -22.54 -1.67
CA ALA F 119 -42.55 -21.28 -2.27
C ALA F 119 -42.29 -20.08 -1.35
N GLY F 120 -42.35 -20.32 -0.05
CA GLY F 120 -42.02 -19.31 0.98
C GLY F 120 -40.59 -18.80 0.84
N TYR F 121 -39.64 -19.70 0.65
CA TYR F 121 -38.25 -19.26 0.45
C TYR F 121 -38.08 -18.42 -0.81
N TYR F 122 -38.61 -18.93 -1.92
CA TYR F 122 -38.63 -18.15 -3.17
C TYR F 122 -39.28 -16.78 -2.98
N ALA F 123 -40.35 -16.73 -2.19
CA ALA F 123 -41.04 -15.46 -1.92
C ALA F 123 -40.13 -14.45 -1.21
N SER F 124 -39.33 -14.92 -0.27
CA SER F 124 -38.44 -14.04 0.48
C SER F 124 -37.44 -13.37 -0.45
N ILE F 125 -36.96 -14.13 -1.45
CA ILE F 125 -36.10 -13.60 -2.52
C ILE F 125 -36.78 -12.49 -3.31
N VAL F 126 -38.03 -12.70 -3.73
CA VAL F 126 -38.83 -11.68 -4.43
C VAL F 126 -38.98 -10.43 -3.54
N ALA F 127 -39.35 -10.67 -2.29
CA ALA F 127 -39.54 -9.59 -1.32
C ALA F 127 -38.27 -8.74 -1.17
N GLU F 128 -37.11 -9.42 -1.07
CA GLU F 128 -35.83 -8.71 -0.92
C GLU F 128 -35.50 -7.85 -2.13
N LYS F 129 -35.65 -8.43 -3.34
CA LYS F 129 -35.46 -7.68 -4.59
C LYS F 129 -36.38 -6.46 -4.69
N ALA F 130 -37.63 -6.62 -4.24
CA ALA F 130 -38.60 -5.52 -4.23
C ALA F 130 -38.12 -4.37 -3.34
N LEU F 131 -37.60 -4.71 -2.16
CA LEU F 131 -37.07 -3.72 -1.24
C LEU F 131 -35.93 -2.90 -1.83
N LEU F 132 -34.99 -3.61 -2.46
CA LEU F 132 -33.86 -3.03 -3.14
C LEU F 132 -34.35 -2.12 -4.25
N ARG F 133 -35.38 -2.56 -4.99
CA ARG F 133 -35.97 -1.70 -6.03
C ARG F 133 -36.60 -0.44 -5.43
N ARG F 134 -37.24 -0.59 -4.27
CA ARG F 134 -37.86 0.56 -3.58
C ARG F 134 -36.80 1.58 -3.16
N LEU F 135 -35.59 1.10 -2.80
CA LEU F 135 -34.46 1.98 -2.49
C LEU F 135 -34.03 2.82 -3.69
N VAL F 136 -33.94 2.17 -4.85
CA VAL F 136 -33.59 2.87 -6.08
C VAL F 136 -34.61 3.97 -6.39
N GLU F 137 -35.90 3.65 -6.26
CA GLU F 137 -36.97 4.60 -6.53
C GLU F 137 -36.97 5.72 -5.48
N ALA F 138 -36.83 5.36 -4.21
CA ALA F 138 -36.79 6.34 -3.12
C ALA F 138 -35.56 7.27 -3.23
N GLY F 139 -34.38 6.68 -3.44
CA GLY F 139 -33.13 7.42 -3.61
C GLY F 139 -33.24 8.40 -4.75
N THR F 140 -33.75 7.92 -5.88
CA THR F 140 -34.00 8.76 -7.06
C THR F 140 -34.94 9.95 -6.78
N ARG F 141 -36.00 9.70 -6.00
CA ARG F 141 -36.93 10.75 -5.57
C ARG F 141 -36.23 11.83 -4.72
N VAL F 142 -35.42 11.38 -3.77
CA VAL F 142 -34.66 12.25 -2.85
C VAL F 142 -33.73 13.19 -3.63
N VAL F 143 -33.03 12.64 -4.62
CA VAL F 143 -32.16 13.42 -5.51
C VAL F 143 -32.97 14.54 -6.19
N GLN F 144 -34.19 14.21 -6.63
CA GLN F 144 -35.07 15.17 -7.29
C GLN F 144 -35.52 16.28 -6.34
N TYR F 145 -35.79 15.92 -5.08
CA TYR F 145 -36.17 16.89 -4.05
C TYR F 145 -35.02 17.87 -3.77
N GLY F 146 -33.81 17.32 -3.68
CA GLY F 146 -32.60 18.10 -3.47
C GLY F 146 -32.38 19.14 -4.54
N TYR F 147 -32.64 18.78 -5.80
CA TYR F 147 -32.59 19.73 -6.90
C TYR F 147 -33.75 20.72 -6.95
N ALA F 148 -34.91 20.28 -6.47
CA ALA F 148 -36.09 21.14 -6.38
C ALA F 148 -35.90 22.21 -5.30
N GLY F 149 -35.41 21.80 -4.13
CA GLY F 149 -35.10 22.72 -3.05
C GLY F 149 -34.10 23.79 -3.47
N ALA F 150 -33.17 23.41 -4.34
CA ALA F 150 -32.16 24.33 -4.88
C ALA F 150 -32.79 25.41 -5.78
N GLU F 151 -34.07 25.25 -6.10
CA GLU F 151 -34.82 26.24 -6.88
C GLU F 151 -35.76 27.10 -6.02
N VAL F 155 -36.97 24.28 1.66
CA VAL F 155 -35.87 23.46 2.14
C VAL F 155 -36.31 22.53 3.28
N ALA F 156 -37.14 23.07 4.18
CA ALA F 156 -37.65 22.29 5.31
C ALA F 156 -38.67 21.26 4.85
N GLU F 157 -39.56 21.66 3.93
CA GLU F 157 -40.54 20.76 3.36
C GLU F 157 -39.86 19.70 2.51
N VAL F 158 -38.82 20.13 1.78
CA VAL F 158 -38.01 19.26 0.92
C VAL F 158 -37.31 18.16 1.73
N VAL F 159 -36.62 18.56 2.80
CA VAL F 159 -35.88 17.61 3.65
C VAL F 159 -36.81 16.59 4.30
N ASP F 160 -37.95 17.06 4.81
CA ASP F 160 -38.95 16.23 5.46
C ASP F 160 -39.59 15.20 4.51
N ARG F 161 -39.95 15.66 3.30
CA ARG F 161 -40.48 14.76 2.28
C ARG F 161 -39.46 13.71 1.88
N ALA F 162 -38.19 14.13 1.74
CA ALA F 162 -37.11 13.22 1.42
C ALA F 162 -36.99 12.11 2.46
N GLN F 163 -37.21 12.47 3.73
CA GLN F 163 -37.21 11.51 4.83
C GLN F 163 -38.47 10.66 4.91
N ALA F 164 -39.62 11.22 4.54
CA ALA F 164 -40.83 10.43 4.41
C ALA F 164 -40.59 9.30 3.40
N GLU F 165 -40.05 9.67 2.24
CA GLU F 165 -39.75 8.74 1.15
C GLU F 165 -38.90 7.53 1.56
N ILE F 166 -37.86 7.77 2.36
CA ILE F 166 -36.90 6.72 2.72
C ILE F 166 -37.38 5.85 3.88
N TYR F 167 -38.03 6.46 4.87
CA TYR F 167 -38.52 5.68 6.01
C TYR F 167 -39.77 4.85 5.68
N ASP F 168 -40.45 5.18 4.58
CA ASP F 168 -41.61 4.42 4.10
C ASP F 168 -41.21 3.03 3.61
#